data_9EZR
#
_entry.id   9EZR
#
_cell.length_a   61.600
_cell.length_b   107.700
_cell.length_c   198.600
_cell.angle_alpha   90.00
_cell.angle_beta   90.00
_cell.angle_gamma   90.00
#
_symmetry.space_group_name_H-M   'P 21 21 21'
#
loop_
_entity.id
_entity.type
_entity.pdbx_description
1 polymer 'NAD(P)H dehydrogenase [quinone] 1'
2 non-polymer NICOTINAMIDE-ADENINE-DINUCLEOTIDE
3 non-polymer 'FLAVIN-ADENINE DINUCLEOTIDE'
4 non-polymer 'ACETATE ION'
5 water water
#
_entity_poly.entity_id   1
_entity_poly.type   'polypeptide(L)'
_entity_poly.pdbx_seq_one_letter_code
;AAAAMVGRRALIVLAHSERTSFNYAMKEAAAAALKKKGWEVVESDLYAMNFNPIISRKDITGKLKDPANFQYPAESVLAY
KEGHLSPDIVAEQKKLEAADLVIFQFPLQWFGVPAILKGWFERVFIGEFAYTYAAMYDKGPFRSKKAVLSITTGGSGSMY
SLQGIHGDMNVILWPIQSGILHFCGFQVLEPQLTYSIGHTPADARIQILEGWKKRLENIWDETPLYFAPSSLFDLNFQAG
FLMKKEVQDEEKNKKFGLSVGHHLGKSIPTDNQIKARK
;
_entity_poly.pdbx_strand_id   A,B,C,D
#
loop_
_chem_comp.id
_chem_comp.type
_chem_comp.name
_chem_comp.formula
ACT non-polymer 'ACETATE ION' 'C2 H3 O2 -1'
FAD non-polymer 'FLAVIN-ADENINE DINUCLEOTIDE' 'C27 H33 N9 O15 P2'
NAD non-polymer NICOTINAMIDE-ADENINE-DINUCLEOTIDE 'C21 H27 N7 O14 P2'
#
# COMPACT_ATOMS: atom_id res chain seq x y z
N ALA A 1 -46.20 -11.71 -10.25
CA ALA A 1 -45.58 -13.06 -10.19
C ALA A 1 -44.70 -13.19 -8.95
N ALA A 2 -43.85 -12.17 -8.71
CA ALA A 2 -43.03 -12.12 -7.50
C ALA A 2 -42.81 -10.68 -7.06
N ALA A 3 -43.91 -10.01 -6.64
CA ALA A 3 -43.85 -8.66 -6.10
C ALA A 3 -43.37 -8.71 -4.65
N ALA A 4 -42.07 -8.97 -4.47
CA ALA A 4 -41.50 -9.24 -3.16
C ALA A 4 -40.05 -8.77 -3.11
N MET A 5 -39.49 -8.72 -1.89
CA MET A 5 -38.08 -8.42 -1.65
C MET A 5 -37.72 -7.03 -2.19
N VAL A 6 -38.74 -6.17 -2.36
CA VAL A 6 -38.58 -4.88 -3.04
C VAL A 6 -37.99 -3.88 -2.05
N GLY A 7 -38.25 -4.09 -0.74
CA GLY A 7 -37.77 -3.18 0.28
C GLY A 7 -36.37 -3.54 0.79
N ARG A 8 -35.77 -4.64 0.28
CA ARG A 8 -34.69 -5.29 1.00
C ARG A 8 -33.30 -5.04 0.41
N ARG A 9 -32.32 -4.91 1.30
N ARG A 9 -32.32 -4.91 1.30
CA ARG A 9 -30.96 -4.53 0.95
CA ARG A 9 -30.96 -4.54 0.95
C ARG A 9 -30.01 -5.70 1.22
C ARG A 9 -30.02 -5.71 1.22
N ALA A 10 -28.98 -5.82 0.38
CA ALA A 10 -27.98 -6.87 0.48
C ALA A 10 -26.60 -6.27 0.35
N LEU A 11 -25.66 -6.77 1.17
CA LEU A 11 -24.26 -6.40 1.10
C LEU A 11 -23.47 -7.65 0.69
N ILE A 12 -22.64 -7.50 -0.37
CA ILE A 12 -21.75 -8.57 -0.79
C ILE A 12 -20.31 -8.14 -0.53
N VAL A 13 -19.63 -8.89 0.35
CA VAL A 13 -18.25 -8.65 0.68
C VAL A 13 -17.40 -9.69 -0.04
N LEU A 14 -16.45 -9.22 -0.87
CA LEU A 14 -15.62 -10.09 -1.68
C LEU A 14 -14.17 -9.95 -1.27
N ALA A 15 -13.45 -11.08 -1.15
CA ALA A 15 -12.03 -11.08 -0.84
C ALA A 15 -11.22 -11.86 -1.88
N HIS A 16 -11.12 -11.29 -3.09
CA HIS A 16 -10.28 -11.83 -4.16
C HIS A 16 -9.75 -10.69 -5.03
N SER A 17 -8.47 -10.78 -5.41
CA SER A 17 -7.79 -9.69 -6.10
C SER A 17 -8.06 -9.71 -7.61
N GLU A 18 -8.44 -10.87 -8.17
CA GLU A 18 -8.50 -11.08 -9.61
C GLU A 18 -9.94 -11.10 -10.09
N ARG A 19 -10.22 -10.32 -11.15
CA ARG A 19 -11.54 -10.26 -11.79
C ARG A 19 -11.76 -11.50 -12.66
N THR A 20 -10.69 -12.26 -12.92
CA THR A 20 -10.75 -13.45 -13.75
C THR A 20 -11.08 -14.68 -12.91
N SER A 21 -11.30 -14.50 -11.60
CA SER A 21 -11.47 -15.60 -10.67
C SER A 21 -12.91 -16.09 -10.67
N PHE A 22 -13.10 -17.35 -10.27
CA PHE A 22 -14.43 -17.90 -10.09
C PHE A 22 -15.13 -17.22 -8.92
N ASN A 23 -14.34 -16.74 -7.95
CA ASN A 23 -14.86 -15.97 -6.82
C ASN A 23 -15.55 -14.70 -7.33
N TYR A 24 -14.92 -14.04 -8.30
CA TYR A 24 -15.49 -12.84 -8.87
C TYR A 24 -16.76 -13.18 -9.64
N ALA A 25 -16.74 -14.33 -10.33
CA ALA A 25 -17.88 -14.81 -11.10
C ALA A 25 -19.10 -15.02 -10.21
N MET A 26 -18.87 -15.59 -9.02
CA MET A 26 -19.92 -15.90 -8.07
C MET A 26 -20.50 -14.63 -7.48
N LYS A 27 -19.68 -13.59 -7.38
CA LYS A 27 -20.13 -12.31 -6.85
C LYS A 27 -21.07 -11.65 -7.87
N GLU A 28 -20.70 -11.73 -9.15
CA GLU A 28 -21.48 -11.15 -10.23
C GLU A 28 -22.82 -11.85 -10.34
N ALA A 29 -22.77 -13.18 -10.33
CA ALA A 29 -23.97 -14.02 -10.34
C ALA A 29 -24.93 -13.62 -9.21
N ALA A 30 -24.38 -13.43 -8.01
CA ALA A 30 -25.19 -13.12 -6.83
C ALA A 30 -25.89 -11.77 -7.01
N ALA A 31 -25.15 -10.80 -7.55
CA ALA A 31 -25.65 -9.43 -7.66
C ALA A 31 -26.76 -9.38 -8.69
N ALA A 32 -26.54 -10.08 -9.81
CA ALA A 32 -27.50 -10.14 -10.89
C ALA A 32 -28.81 -10.74 -10.37
N ALA A 33 -28.71 -11.93 -9.77
CA ALA A 33 -29.87 -12.67 -9.32
C ALA A 33 -30.70 -11.85 -8.34
N LEU A 34 -30.01 -11.21 -7.39
CA LEU A 34 -30.67 -10.48 -6.31
C LEU A 34 -31.35 -9.23 -6.87
N LYS A 35 -30.66 -8.53 -7.78
CA LYS A 35 -31.23 -7.34 -8.41
C LYS A 35 -32.50 -7.72 -9.17
N LYS A 36 -32.46 -8.86 -9.87
CA LYS A 36 -33.59 -9.30 -10.68
C LYS A 36 -34.83 -9.52 -9.82
N LYS A 37 -34.64 -9.95 -8.57
CA LYS A 37 -35.75 -10.18 -7.66
C LYS A 37 -36.08 -8.91 -6.86
N GLY A 38 -35.42 -7.78 -7.17
CA GLY A 38 -35.84 -6.48 -6.69
C GLY A 38 -35.11 -6.02 -5.42
N TRP A 39 -34.01 -6.70 -5.08
CA TRP A 39 -33.13 -6.28 -4.00
C TRP A 39 -32.30 -5.10 -4.47
N GLU A 40 -31.94 -4.21 -3.52
CA GLU A 40 -30.85 -3.27 -3.69
C GLU A 40 -29.54 -3.92 -3.23
N VAL A 41 -28.47 -3.76 -4.00
CA VAL A 41 -27.23 -4.48 -3.74
C VAL A 41 -26.08 -3.49 -3.58
N VAL A 42 -25.41 -3.54 -2.42
CA VAL A 42 -24.21 -2.77 -2.17
C VAL A 42 -23.04 -3.75 -2.09
N GLU A 43 -21.85 -3.30 -2.51
CA GLU A 43 -20.69 -4.18 -2.55
C GLU A 43 -19.54 -3.61 -1.74
N SER A 44 -18.70 -4.52 -1.20
CA SER A 44 -17.38 -4.20 -0.69
C SER A 44 -16.36 -5.15 -1.30
N ASP A 45 -15.71 -4.71 -2.37
CA ASP A 45 -14.65 -5.47 -2.99
C ASP A 45 -13.33 -5.01 -2.38
N LEU A 46 -12.84 -5.78 -1.39
CA LEU A 46 -11.83 -5.28 -0.46
C LEU A 46 -10.53 -5.01 -1.19
N TYR A 47 -10.19 -5.81 -2.20
CA TYR A 47 -8.96 -5.57 -2.95
C TYR A 47 -9.12 -4.35 -3.86
N ALA A 48 -10.29 -4.22 -4.49
CA ALA A 48 -10.54 -3.10 -5.40
C ALA A 48 -10.55 -1.78 -4.63
N MET A 49 -11.01 -1.83 -3.38
CA MET A 49 -11.05 -0.69 -2.48
C MET A 49 -9.67 -0.39 -1.88
N ASN A 50 -8.71 -1.30 -2.08
CA ASN A 50 -7.42 -1.24 -1.42
C ASN A 50 -7.61 -1.06 0.10
N PHE A 51 -8.52 -1.85 0.67
CA PHE A 51 -8.88 -1.72 2.07
C PHE A 51 -7.67 -2.02 2.96
N ASN A 52 -7.58 -1.26 4.06
CA ASN A 52 -6.49 -1.41 5.01
C ASN A 52 -6.94 -2.33 6.14
N PRO A 53 -6.33 -3.53 6.26
CA PRO A 53 -6.79 -4.53 7.23
C PRO A 53 -6.14 -4.52 8.61
N ILE A 54 -5.29 -3.53 8.87
CA ILE A 54 -4.52 -3.53 10.11
C ILE A 54 -5.07 -2.47 11.08
N ILE A 55 -5.46 -2.94 12.28
CA ILE A 55 -5.83 -2.04 13.36
C ILE A 55 -4.61 -1.24 13.83
N SER A 56 -4.85 0.05 14.11
CA SER A 56 -3.84 0.97 14.62
C SER A 56 -4.51 2.15 15.31
N ARG A 57 -3.70 3.02 15.93
CA ARG A 57 -4.16 4.25 16.54
C ARG A 57 -4.81 5.17 15.48
N LYS A 58 -4.38 5.02 14.22
CA LYS A 58 -4.86 5.89 13.15
C LYS A 58 -6.34 5.68 12.88
N ASP A 59 -6.95 4.62 13.44
CA ASP A 59 -8.35 4.33 13.24
C ASP A 59 -9.22 5.30 14.05
N ILE A 60 -8.62 5.92 15.09
CA ILE A 60 -9.24 6.96 15.89
C ILE A 60 -8.67 8.32 15.48
N THR A 61 -9.53 9.21 14.97
CA THR A 61 -9.11 10.50 14.43
C THR A 61 -9.14 11.59 15.50
N GLY A 62 -9.83 11.34 16.61
CA GLY A 62 -9.96 12.31 17.68
C GLY A 62 -8.82 12.18 18.71
N LYS A 63 -9.18 12.42 19.98
CA LYS A 63 -8.25 12.45 21.09
C LYS A 63 -8.31 11.12 21.82
N LEU A 64 -7.18 10.41 21.90
CA LEU A 64 -7.14 9.14 22.63
C LEU A 64 -7.43 9.44 24.10
N LYS A 65 -8.06 8.49 24.79
CA LYS A 65 -8.33 8.61 26.23
C LYS A 65 -7.03 8.42 27.02
N ASP A 66 -6.24 7.39 26.70
CA ASP A 66 -5.02 7.10 27.43
C ASP A 66 -3.93 6.66 26.44
N PRO A 67 -3.24 7.60 25.78
CA PRO A 67 -2.23 7.26 24.77
C PRO A 67 -0.98 6.58 25.33
N ALA A 68 -0.82 6.60 26.66
CA ALA A 68 0.29 5.97 27.33
C ALA A 68 0.09 4.46 27.36
N ASN A 69 -1.15 4.03 27.67
CA ASN A 69 -1.52 2.64 27.67
C ASN A 69 -2.68 2.43 26.69
N PHE A 70 -2.35 2.26 25.40
CA PHE A 70 -3.33 2.24 24.33
C PHE A 70 -3.99 0.88 24.24
N GLN A 71 -5.32 0.86 24.26
CA GLN A 71 -6.10 -0.35 24.17
C GLN A 71 -7.19 -0.22 23.11
N TYR A 72 -7.02 -0.99 22.02
CA TYR A 72 -7.83 -0.81 20.83
C TYR A 72 -9.31 -0.98 21.15
N PRO A 73 -9.72 -2.04 21.90
CA PRO A 73 -11.14 -2.27 22.17
C PRO A 73 -11.85 -1.12 22.87
N ALA A 74 -11.22 -0.54 23.89
CA ALA A 74 -11.83 0.54 24.66
C ALA A 74 -11.84 1.84 23.87
N GLU A 75 -10.72 2.12 23.18
CA GLU A 75 -10.54 3.39 22.49
C GLU A 75 -11.42 3.45 21.25
N SER A 76 -11.65 2.30 20.60
CA SER A 76 -12.46 2.22 19.39
C SER A 76 -13.93 2.42 19.73
N VAL A 77 -14.36 1.98 20.92
CA VAL A 77 -15.75 2.08 21.34
C VAL A 77 -16.08 3.54 21.66
N LEU A 78 -15.18 4.25 22.35
CA LEU A 78 -15.36 5.65 22.68
C LEU A 78 -15.48 6.43 21.39
N ALA A 79 -14.60 6.13 20.44
CA ALA A 79 -14.54 6.82 19.17
C ALA A 79 -15.80 6.55 18.35
N TYR A 80 -16.40 5.38 18.50
CA TYR A 80 -17.64 5.08 17.81
C TYR A 80 -18.74 5.98 18.39
N LYS A 81 -18.80 6.08 19.72
CA LYS A 81 -19.85 6.80 20.41
C LYS A 81 -19.76 8.31 20.16
N GLU A 82 -18.53 8.85 20.03
CA GLU A 82 -18.31 10.27 19.82
C GLU A 82 -18.12 10.63 18.35
N GLY A 83 -17.99 9.61 17.49
CA GLY A 83 -17.96 9.79 16.05
C GLY A 83 -16.64 10.38 15.51
N HIS A 84 -15.52 9.90 16.05
N HIS A 84 -15.51 9.92 16.06
CA HIS A 84 -14.22 10.23 15.49
CA HIS A 84 -14.22 10.23 15.47
C HIS A 84 -13.51 8.95 15.05
C HIS A 84 -13.51 8.95 15.06
N LEU A 85 -14.26 8.03 14.42
CA LEU A 85 -13.68 6.86 13.80
C LEU A 85 -13.16 7.26 12.42
N SER A 86 -12.12 6.59 11.95
CA SER A 86 -11.64 6.80 10.60
C SER A 86 -12.80 6.63 9.62
N PRO A 87 -12.96 7.50 8.61
CA PRO A 87 -14.11 7.39 7.70
C PRO A 87 -14.20 6.16 6.78
N ASP A 88 -13.10 5.46 6.52
CA ASP A 88 -13.18 4.19 5.80
C ASP A 88 -13.95 3.15 6.62
N ILE A 89 -13.80 3.18 7.96
CA ILE A 89 -14.51 2.29 8.86
C ILE A 89 -16.00 2.62 8.87
N VAL A 90 -16.31 3.93 8.85
CA VAL A 90 -17.67 4.38 9.05
C VAL A 90 -18.49 4.03 7.82
N ALA A 91 -17.88 4.19 6.64
CA ALA A 91 -18.54 3.89 5.39
C ALA A 91 -19.01 2.43 5.34
N GLU A 92 -18.18 1.51 5.85
CA GLU A 92 -18.52 0.09 5.87
C GLU A 92 -19.61 -0.18 6.89
N GLN A 93 -19.54 0.50 8.03
CA GLN A 93 -20.54 0.35 9.07
C GLN A 93 -21.93 0.78 8.58
N LYS A 94 -21.99 1.82 7.73
CA LYS A 94 -23.25 2.32 7.22
C LYS A 94 -23.86 1.30 6.25
N LYS A 95 -23.00 0.59 5.49
CA LYS A 95 -23.48 -0.43 4.57
C LYS A 95 -24.09 -1.59 5.35
N LEU A 96 -23.46 -1.95 6.46
CA LEU A 96 -23.92 -3.05 7.28
C LEU A 96 -25.25 -2.69 7.94
N GLU A 97 -25.35 -1.48 8.51
CA GLU A 97 -26.57 -1.02 9.16
C GLU A 97 -27.76 -1.16 8.20
N ALA A 98 -27.55 -0.78 6.94
CA ALA A 98 -28.60 -0.75 5.95
C ALA A 98 -28.99 -2.16 5.48
N ALA A 99 -28.05 -3.11 5.51
CA ALA A 99 -28.21 -4.40 4.87
C ALA A 99 -29.05 -5.33 5.74
N ASP A 100 -29.90 -6.13 5.06
CA ASP A 100 -30.69 -7.17 5.69
C ASP A 100 -30.01 -8.53 5.49
N LEU A 101 -29.37 -8.70 4.33
CA LEU A 101 -28.63 -9.91 4.00
C LEU A 101 -27.19 -9.53 3.71
N VAL A 102 -26.24 -10.27 4.31
CA VAL A 102 -24.81 -10.11 4.07
C VAL A 102 -24.25 -11.42 3.54
N ILE A 103 -23.59 -11.35 2.37
CA ILE A 103 -22.95 -12.49 1.76
C ILE A 103 -21.45 -12.27 1.77
N PHE A 104 -20.70 -13.28 2.24
CA PHE A 104 -19.24 -13.24 2.24
C PHE A 104 -18.75 -14.20 1.18
N GLN A 105 -18.04 -13.67 0.17
CA GLN A 105 -17.47 -14.47 -0.91
C GLN A 105 -15.94 -14.46 -0.81
N PHE A 106 -15.34 -15.63 -0.63
CA PHE A 106 -13.90 -15.73 -0.49
C PHE A 106 -13.39 -17.14 -0.72
N PRO A 107 -12.11 -17.28 -1.11
CA PRO A 107 -11.45 -18.58 -1.08
C PRO A 107 -10.97 -18.93 0.33
N LEU A 108 -11.19 -20.18 0.74
CA LEU A 108 -10.55 -20.72 1.92
C LEU A 108 -9.04 -20.58 1.74
N GLN A 109 -8.40 -19.90 2.71
CA GLN A 109 -6.96 -19.79 2.79
C GLN A 109 -6.49 -20.20 4.18
N TRP A 110 -5.60 -21.20 4.23
CA TRP A 110 -5.10 -21.76 5.48
C TRP A 110 -6.23 -22.01 6.47
N PHE A 111 -7.26 -22.71 5.98
CA PHE A 111 -8.36 -23.18 6.81
C PHE A 111 -9.10 -22.01 7.45
N GLY A 112 -9.13 -20.86 6.75
CA GLY A 112 -9.76 -19.69 7.31
C GLY A 112 -10.07 -18.64 6.26
N VAL A 113 -10.51 -17.46 6.71
CA VAL A 113 -10.75 -16.36 5.81
C VAL A 113 -9.41 -15.72 5.43
N PRO A 114 -9.33 -15.05 4.25
CA PRO A 114 -8.15 -14.27 3.88
C PRO A 114 -7.85 -13.16 4.88
N ALA A 115 -6.58 -12.79 4.94
CA ALA A 115 -6.12 -11.78 5.88
C ALA A 115 -6.92 -10.50 5.72
N ILE A 116 -7.23 -10.12 4.48
CA ILE A 116 -7.86 -8.82 4.23
C ILE A 116 -9.29 -8.80 4.77
N LEU A 117 -9.96 -9.95 4.77
CA LEU A 117 -11.32 -10.03 5.31
C LEU A 117 -11.27 -10.11 6.84
N LYS A 118 -10.27 -10.82 7.37
CA LYS A 118 -10.06 -10.89 8.81
C LYS A 118 -9.91 -9.50 9.39
N GLY A 119 -9.14 -8.67 8.69
CA GLY A 119 -8.88 -7.29 9.10
C GLY A 119 -10.13 -6.43 9.01
N TRP A 120 -10.99 -6.74 8.04
CA TRP A 120 -12.25 -6.04 7.89
C TRP A 120 -13.11 -6.27 9.13
N PHE A 121 -13.16 -7.52 9.60
CA PHE A 121 -13.86 -7.85 10.83
C PHE A 121 -13.25 -7.06 11.99
N GLU A 122 -11.91 -7.00 12.02
CA GLU A 122 -11.19 -6.44 13.17
C GLU A 122 -11.44 -4.93 13.30
N ARG A 123 -11.58 -4.22 12.17
CA ARG A 123 -11.70 -2.78 12.17
C ARG A 123 -13.16 -2.30 12.10
N VAL A 124 -14.07 -3.15 11.61
CA VAL A 124 -15.44 -2.72 11.38
C VAL A 124 -16.38 -3.22 12.48
N PHE A 125 -16.15 -4.43 13.02
CA PHE A 125 -17.02 -4.98 14.06
C PHE A 125 -16.54 -4.48 15.43
N ILE A 126 -16.87 -3.22 15.72
CA ILE A 126 -16.44 -2.53 16.91
C ILE A 126 -17.47 -2.78 18.01
N GLY A 127 -17.04 -2.74 19.28
CA GLY A 127 -17.95 -2.85 20.41
C GLY A 127 -19.06 -1.80 20.31
N GLU A 128 -20.26 -2.15 20.81
CA GLU A 128 -21.42 -1.27 20.85
C GLU A 128 -22.13 -1.23 19.50
N PHE A 129 -21.35 -1.15 18.42
CA PHE A 129 -21.89 -1.25 17.08
C PHE A 129 -22.37 -2.67 16.76
N ALA A 130 -21.48 -3.65 16.91
CA ALA A 130 -21.68 -5.01 16.43
C ALA A 130 -21.92 -6.01 17.56
N TYR A 131 -21.51 -5.67 18.79
CA TYR A 131 -21.67 -6.57 19.93
C TYR A 131 -21.55 -5.75 21.21
N THR A 132 -22.17 -6.24 22.31
CA THR A 132 -21.85 -5.83 23.67
C THR A 132 -21.79 -7.10 24.51
N TYR A 133 -21.40 -7.00 25.76
CA TYR A 133 -21.24 -8.20 26.58
C TYR A 133 -22.58 -8.52 27.23
N ALA A 134 -23.49 -7.54 27.30
CA ALA A 134 -24.87 -7.80 27.69
C ALA A 134 -25.60 -8.57 26.60
N ALA A 135 -25.43 -8.15 25.33
CA ALA A 135 -26.14 -8.72 24.19
C ALA A 135 -25.17 -9.51 23.31
N MET A 136 -25.01 -10.79 23.65
CA MET A 136 -24.20 -11.70 22.89
C MET A 136 -25.09 -12.67 22.11
N TYR A 137 -24.52 -13.30 21.09
CA TYR A 137 -25.20 -14.37 20.38
C TYR A 137 -26.58 -13.88 19.98
N ASP A 138 -27.64 -14.61 20.36
CA ASP A 138 -28.95 -14.41 19.77
C ASP A 138 -29.56 -13.09 20.22
N LYS A 139 -28.99 -12.44 21.25
CA LYS A 139 -29.51 -11.16 21.72
C LYS A 139 -28.74 -9.99 21.12
N GLY A 140 -27.84 -10.28 20.17
CA GLY A 140 -26.90 -9.28 19.67
C GLY A 140 -27.54 -8.32 18.66
N PRO A 141 -26.84 -7.20 18.32
CA PRO A 141 -27.42 -6.14 17.48
C PRO A 141 -27.89 -6.55 16.10
N PHE A 142 -27.32 -7.62 15.52
CA PHE A 142 -27.61 -7.97 14.13
C PHE A 142 -28.61 -9.12 14.05
N ARG A 143 -29.49 -9.26 15.06
CA ARG A 143 -30.36 -10.44 15.14
C ARG A 143 -31.44 -10.38 14.08
N SER A 144 -31.67 -9.20 13.49
CA SER A 144 -32.66 -9.01 12.45
C SER A 144 -32.10 -9.27 11.05
N LYS A 145 -30.79 -9.58 10.95
CA LYS A 145 -30.11 -9.75 9.67
C LYS A 145 -29.71 -11.20 9.48
N LYS A 146 -29.43 -11.57 8.22
CA LYS A 146 -28.98 -12.90 7.88
C LYS A 146 -27.63 -12.81 7.18
N ALA A 147 -26.77 -13.81 7.42
CA ALA A 147 -25.47 -13.87 6.77
C ALA A 147 -25.23 -15.26 6.23
N VAL A 148 -24.42 -15.36 5.16
CA VAL A 148 -24.07 -16.63 4.56
C VAL A 148 -22.65 -16.54 4.00
N LEU A 149 -21.89 -17.61 4.21
CA LEU A 149 -20.56 -17.75 3.62
C LEU A 149 -20.70 -18.48 2.29
N SER A 150 -19.98 -17.98 1.27
CA SER A 150 -19.78 -18.69 0.03
C SER A 150 -18.28 -18.90 -0.18
N ILE A 151 -17.84 -20.16 -0.10
CA ILE A 151 -16.43 -20.47 0.00
C ILE A 151 -16.04 -21.35 -1.19
N THR A 152 -14.85 -21.10 -1.73
CA THR A 152 -14.24 -22.02 -2.68
C THR A 152 -12.99 -22.61 -2.02
N THR A 153 -12.69 -23.88 -2.37
CA THR A 153 -11.49 -24.54 -1.91
C THR A 153 -10.77 -25.13 -3.11
N GLY A 154 -9.48 -25.39 -2.94
CA GLY A 154 -8.71 -26.14 -3.91
C GLY A 154 -8.91 -27.64 -3.68
N GLY A 155 -8.98 -28.04 -2.40
CA GLY A 155 -9.10 -29.44 -2.03
C GLY A 155 -10.49 -29.99 -2.32
N SER A 156 -10.58 -31.34 -2.43
CA SER A 156 -11.83 -32.01 -2.73
C SER A 156 -12.66 -32.21 -1.47
N GLY A 157 -13.96 -32.43 -1.65
CA GLY A 157 -14.89 -32.59 -0.54
C GLY A 157 -14.56 -33.82 0.33
N SER A 158 -13.95 -34.83 -0.29
CA SER A 158 -13.59 -36.04 0.43
C SER A 158 -12.54 -35.73 1.50
N MET A 159 -11.66 -34.76 1.21
CA MET A 159 -10.59 -34.39 2.11
C MET A 159 -11.14 -33.74 3.38
N TYR A 160 -12.33 -33.13 3.30
CA TYR A 160 -12.96 -32.47 4.44
C TYR A 160 -14.15 -33.24 4.98
N SER A 161 -14.27 -34.52 4.62
CA SER A 161 -15.29 -35.39 5.17
C SER A 161 -14.83 -35.89 6.53
N LEU A 162 -15.70 -36.64 7.23
CA LEU A 162 -15.37 -37.13 8.55
C LEU A 162 -14.10 -37.98 8.50
N GLN A 163 -13.83 -38.65 7.37
CA GLN A 163 -12.72 -39.58 7.26
C GLN A 163 -11.60 -39.01 6.40
N GLY A 164 -11.70 -37.74 6.00
CA GLY A 164 -10.68 -37.13 5.14
C GLY A 164 -9.43 -36.72 5.92
N ILE A 165 -8.32 -36.61 5.19
CA ILE A 165 -7.02 -36.26 5.75
C ILE A 165 -7.13 -34.96 6.55
N HIS A 166 -7.88 -33.97 6.05
CA HIS A 166 -7.97 -32.65 6.68
C HIS A 166 -8.97 -32.60 7.85
N GLY A 167 -9.96 -33.50 7.84
CA GLY A 167 -10.92 -33.57 8.92
C GLY A 167 -12.17 -32.73 8.63
N ASP A 168 -13.12 -32.81 9.58
CA ASP A 168 -14.48 -32.35 9.38
C ASP A 168 -14.49 -30.85 9.10
N MET A 169 -15.23 -30.47 8.04
CA MET A 169 -15.37 -29.08 7.64
C MET A 169 -16.21 -28.33 8.67
N ASN A 170 -17.11 -29.03 9.36
CA ASN A 170 -17.94 -28.40 10.38
C ASN A 170 -17.08 -27.74 11.46
N VAL A 171 -15.94 -28.36 11.78
CA VAL A 171 -15.05 -27.83 12.81
C VAL A 171 -14.34 -26.58 12.31
N ILE A 172 -14.00 -26.55 11.01
CA ILE A 172 -13.30 -25.44 10.40
C ILE A 172 -14.19 -24.19 10.35
N LEU A 173 -15.49 -24.36 10.14
CA LEU A 173 -16.38 -23.22 9.95
C LEU A 173 -16.80 -22.62 11.29
N TRP A 174 -16.71 -23.41 12.37
CA TRP A 174 -17.29 -23.05 13.65
C TRP A 174 -16.78 -21.69 14.16
N PRO A 175 -15.45 -21.45 14.22
CA PRO A 175 -14.93 -20.20 14.76
C PRO A 175 -15.45 -18.97 14.02
N ILE A 176 -15.70 -19.13 12.72
CA ILE A 176 -16.21 -18.04 11.89
C ILE A 176 -17.71 -17.87 12.13
N GLN A 177 -18.49 -18.94 11.96
CA GLN A 177 -19.94 -18.82 11.95
C GLN A 177 -20.46 -18.52 13.36
N SER A 178 -19.90 -19.19 14.38
CA SER A 178 -20.31 -18.95 15.76
C SER A 178 -19.58 -17.74 16.33
N GLY A 179 -18.25 -17.78 16.25
CA GLY A 179 -17.40 -16.84 16.95
C GLY A 179 -17.50 -15.41 16.44
N ILE A 180 -17.71 -15.22 15.13
CA ILE A 180 -17.73 -13.87 14.55
C ILE A 180 -19.16 -13.47 14.23
N LEU A 181 -19.88 -14.32 13.47
CA LEU A 181 -21.14 -13.91 12.87
C LEU A 181 -22.27 -14.03 13.91
N HIS A 182 -22.43 -15.21 14.51
CA HIS A 182 -23.53 -15.41 15.43
C HIS A 182 -23.31 -14.58 16.70
N PHE A 183 -22.04 -14.40 17.08
CA PHE A 183 -21.67 -13.63 18.27
C PHE A 183 -22.30 -12.23 18.21
N CYS A 184 -22.39 -11.65 17.01
CA CYS A 184 -22.94 -10.32 16.82
C CYS A 184 -24.46 -10.34 16.58
N GLY A 185 -25.06 -11.53 16.49
CA GLY A 185 -26.51 -11.65 16.39
C GLY A 185 -26.99 -12.28 15.09
N PHE A 186 -26.17 -12.25 14.03
CA PHE A 186 -26.59 -12.74 12.72
C PHE A 186 -27.22 -14.12 12.85
N GLN A 187 -28.34 -14.31 12.17
CA GLN A 187 -28.80 -15.64 11.79
C GLN A 187 -27.93 -16.12 10.64
N VAL A 188 -27.36 -17.33 10.78
CA VAL A 188 -26.40 -17.82 9.81
C VAL A 188 -27.06 -18.91 8.97
N LEU A 189 -27.03 -18.71 7.65
CA LEU A 189 -27.61 -19.65 6.72
C LEU A 189 -26.56 -20.68 6.32
N GLU A 190 -27.04 -21.74 5.67
CA GLU A 190 -26.18 -22.83 5.23
C GLU A 190 -25.08 -22.25 4.35
N PRO A 191 -23.80 -22.61 4.59
CA PRO A 191 -22.72 -22.13 3.73
C PRO A 191 -22.85 -22.72 2.33
N GLN A 192 -22.43 -21.95 1.34
CA GLN A 192 -22.27 -22.43 -0.02
C GLN A 192 -20.82 -22.88 -0.20
N LEU A 193 -20.61 -24.20 -0.29
CA LEU A 193 -19.28 -24.77 -0.40
C LEU A 193 -19.04 -25.28 -1.82
N THR A 194 -18.05 -24.69 -2.48
CA THR A 194 -17.66 -25.09 -3.82
C THR A 194 -16.28 -25.73 -3.74
N TYR A 195 -16.22 -27.07 -3.69
CA TYR A 195 -14.96 -27.77 -3.53
C TYR A 195 -14.24 -27.90 -4.86
N SER A 196 -12.91 -28.00 -4.79
CA SER A 196 -12.02 -28.33 -5.89
C SER A 196 -12.38 -27.61 -7.18
N ILE A 197 -12.52 -26.29 -7.14
CA ILE A 197 -12.99 -25.50 -8.28
C ILE A 197 -11.96 -25.52 -9.40
N GLY A 198 -10.69 -25.71 -9.04
CA GLY A 198 -9.62 -25.72 -10.03
C GLY A 198 -9.67 -26.95 -10.94
N HIS A 199 -10.27 -28.04 -10.47
CA HIS A 199 -10.31 -29.30 -11.23
C HIS A 199 -11.76 -29.62 -11.57
N THR A 200 -12.58 -28.58 -11.73
CA THR A 200 -13.97 -28.76 -12.12
C THR A 200 -14.07 -28.32 -13.57
N PRO A 201 -14.63 -29.16 -14.47
CA PRO A 201 -14.84 -28.75 -15.86
C PRO A 201 -15.88 -27.65 -16.07
N ALA A 202 -15.80 -27.00 -17.24
CA ALA A 202 -16.45 -25.72 -17.51
C ALA A 202 -17.97 -25.86 -17.43
N ASP A 203 -18.48 -27.03 -17.86
CA ASP A 203 -19.91 -27.27 -17.90
C ASP A 203 -20.43 -27.34 -16.47
N ALA A 204 -19.62 -27.90 -15.57
CA ALA A 204 -20.00 -28.05 -14.17
C ALA A 204 -19.97 -26.70 -13.45
N ARG A 205 -18.95 -25.89 -13.74
CA ARG A 205 -18.84 -24.56 -13.16
C ARG A 205 -20.06 -23.70 -13.48
N ILE A 206 -20.58 -23.82 -14.70
CA ILE A 206 -21.72 -23.04 -15.13
C ILE A 206 -22.97 -23.49 -14.37
N GLN A 207 -23.07 -24.80 -14.11
CA GLN A 207 -24.16 -25.36 -13.33
C GLN A 207 -24.12 -24.79 -11.92
N ILE A 208 -22.89 -24.69 -11.36
CA ILE A 208 -22.69 -24.18 -10.01
C ILE A 208 -23.18 -22.73 -9.93
N LEU A 209 -22.77 -21.91 -10.91
CA LEU A 209 -23.21 -20.53 -10.97
C LEU A 209 -24.74 -20.48 -11.02
N GLU A 210 -25.33 -21.36 -11.84
CA GLU A 210 -26.76 -21.36 -12.07
C GLU A 210 -27.49 -21.77 -10.80
N GLY A 211 -26.88 -22.71 -10.05
CA GLY A 211 -27.46 -23.22 -8.82
C GLY A 211 -27.40 -22.21 -7.69
N TRP A 212 -26.29 -21.46 -7.62
CA TRP A 212 -26.13 -20.35 -6.71
C TRP A 212 -27.26 -19.35 -6.93
N LYS A 213 -27.46 -18.98 -8.20
CA LYS A 213 -28.46 -18.00 -8.58
C LYS A 213 -29.84 -18.48 -8.14
N LYS A 214 -30.12 -19.76 -8.40
CA LYS A 214 -31.43 -20.32 -8.13
C LYS A 214 -31.69 -20.26 -6.62
N ARG A 215 -30.68 -20.61 -5.82
CA ARG A 215 -30.79 -20.59 -4.37
C ARG A 215 -31.15 -19.20 -3.88
N LEU A 216 -30.53 -18.17 -4.46
CA LEU A 216 -30.65 -16.82 -3.96
C LEU A 216 -32.06 -16.27 -4.14
N GLU A 217 -32.87 -16.87 -5.03
CA GLU A 217 -34.23 -16.40 -5.27
C GLU A 217 -35.09 -16.55 -4.02
N ASN A 218 -34.81 -17.56 -3.18
CA ASN A 218 -35.62 -17.81 -1.99
C ASN A 218 -34.78 -17.79 -0.72
N ILE A 219 -33.59 -17.19 -0.78
CA ILE A 219 -32.61 -17.26 0.30
C ILE A 219 -33.25 -16.80 1.62
N TRP A 220 -34.15 -15.82 1.55
CA TRP A 220 -34.67 -15.19 2.75
C TRP A 220 -35.63 -16.11 3.50
N ASP A 221 -36.16 -17.15 2.85
CA ASP A 221 -37.15 -18.03 3.47
C ASP A 221 -36.49 -19.27 4.07
N GLU A 222 -35.15 -19.34 4.04
CA GLU A 222 -34.43 -20.52 4.52
C GLU A 222 -34.42 -20.56 6.04
N THR A 223 -34.25 -21.77 6.59
CA THR A 223 -34.06 -21.95 8.01
C THR A 223 -32.57 -21.78 8.31
N PRO A 224 -32.19 -21.00 9.35
CA PRO A 224 -30.79 -20.88 9.76
C PRO A 224 -30.20 -22.07 10.51
N LEU A 225 -28.87 -22.07 10.67
CA LEU A 225 -28.15 -23.12 11.37
C LEU A 225 -28.47 -23.05 12.87
N TYR A 226 -28.27 -24.17 13.57
CA TYR A 226 -28.58 -24.24 14.99
C TYR A 226 -27.35 -23.90 15.83
N PHE A 227 -27.51 -22.87 16.68
CA PHE A 227 -26.62 -22.59 17.80
C PHE A 227 -27.43 -22.63 19.09
N ALA A 228 -26.78 -23.11 20.18
CA ALA A 228 -27.39 -23.11 21.50
C ALA A 228 -27.89 -21.71 21.83
N PRO A 229 -29.17 -21.51 22.20
CA PRO A 229 -29.65 -20.19 22.61
C PRO A 229 -28.92 -19.73 23.87
N SER A 230 -28.76 -18.42 24.01
CA SER A 230 -28.06 -17.82 25.14
C SER A 230 -28.82 -18.13 26.43
N SER A 231 -30.14 -18.33 26.32
CA SER A 231 -31.02 -18.55 27.44
C SER A 231 -30.71 -19.86 28.18
N LEU A 232 -29.92 -20.77 27.56
CA LEU A 232 -29.46 -21.98 28.22
C LEU A 232 -28.36 -21.68 29.24
N PHE A 233 -27.90 -20.42 29.33
CA PHE A 233 -26.72 -20.11 30.11
C PHE A 233 -27.02 -19.06 31.18
N ASP A 234 -26.21 -19.06 32.24
CA ASP A 234 -26.23 -18.02 33.26
C ASP A 234 -25.23 -16.93 32.87
N LEU A 235 -25.73 -15.81 32.33
CA LEU A 235 -24.90 -14.81 31.68
C LEU A 235 -24.40 -13.77 32.70
N ASN A 236 -23.63 -14.21 33.69
CA ASN A 236 -23.00 -13.30 34.64
C ASN A 236 -21.70 -13.93 35.13
N PHE A 237 -20.80 -13.08 35.66
N PHE A 237 -20.80 -13.10 35.67
CA PHE A 237 -19.42 -13.45 35.92
CA PHE A 237 -19.43 -13.53 35.88
C PHE A 237 -19.32 -14.37 37.12
C PHE A 237 -19.33 -14.39 37.14
N GLN A 238 -20.31 -14.29 38.00
N GLN A 238 -20.32 -14.29 38.03
CA GLN A 238 -20.31 -15.07 39.23
CA GLN A 238 -20.33 -15.08 39.26
C GLN A 238 -20.59 -16.55 38.92
C GLN A 238 -20.58 -16.55 38.92
N ALA A 239 -21.42 -16.81 37.90
CA ALA A 239 -21.78 -18.17 37.50
C ALA A 239 -20.78 -18.73 36.48
N GLY A 240 -19.97 -17.85 35.87
CA GLY A 240 -18.90 -18.24 34.98
C GLY A 240 -19.35 -18.40 33.53
N PHE A 241 -20.53 -17.87 33.19
CA PHE A 241 -21.16 -18.05 31.89
C PHE A 241 -21.27 -19.53 31.56
N LEU A 242 -21.66 -20.31 32.57
CA LEU A 242 -21.81 -21.74 32.38
C LEU A 242 -23.27 -22.03 32.05
N MET A 243 -23.45 -23.21 31.47
CA MET A 243 -24.77 -23.76 31.18
C MET A 243 -25.50 -23.96 32.50
N LYS A 244 -26.76 -23.53 32.56
CA LYS A 244 -27.59 -23.68 33.75
C LYS A 244 -27.68 -25.16 34.16
N LYS A 245 -27.80 -25.40 35.47
CA LYS A 245 -27.76 -26.74 36.04
C LYS A 245 -28.95 -27.57 35.55
N GLU A 246 -30.14 -26.96 35.50
CA GLU A 246 -31.33 -27.66 35.06
C GLU A 246 -31.14 -28.12 33.61
N VAL A 247 -30.45 -27.34 32.79
CA VAL A 247 -30.23 -27.68 31.39
C VAL A 247 -29.18 -28.79 31.29
N GLN A 248 -28.21 -28.81 32.21
CA GLN A 248 -27.22 -29.87 32.24
C GLN A 248 -27.90 -31.21 32.56
N ASP A 249 -28.93 -31.17 33.43
CA ASP A 249 -29.65 -32.35 33.87
C ASP A 249 -30.52 -32.89 32.74
N GLU A 250 -31.14 -31.99 31.97
CA GLU A 250 -31.98 -32.37 30.84
C GLU A 250 -31.15 -33.07 29.76
N GLU A 251 -29.85 -32.73 29.64
CA GLU A 251 -28.99 -33.20 28.56
C GLU A 251 -28.14 -34.39 28.99
N LYS A 252 -28.14 -34.69 30.30
CA LYS A 252 -27.34 -35.77 30.85
C LYS A 252 -27.54 -37.06 30.06
N ASN A 253 -28.76 -37.32 29.60
CA ASN A 253 -29.13 -38.60 29.03
C ASN A 253 -28.97 -38.66 27.50
N LYS A 254 -28.91 -37.50 26.85
CA LYS A 254 -28.94 -37.46 25.39
C LYS A 254 -27.60 -37.98 24.86
N LYS A 255 -27.62 -38.41 23.58
CA LYS A 255 -26.47 -39.02 22.94
C LYS A 255 -25.63 -37.98 22.20
N PHE A 256 -26.30 -36.96 21.65
CA PHE A 256 -25.64 -35.92 20.90
C PHE A 256 -25.50 -34.67 21.76
N GLY A 257 -24.41 -33.92 21.53
CA GLY A 257 -24.28 -32.56 22.05
C GLY A 257 -25.19 -31.60 21.30
N LEU A 258 -25.07 -30.30 21.61
CA LEU A 258 -25.95 -29.27 21.08
C LEU A 258 -25.44 -28.70 19.74
N SER A 259 -24.10 -28.61 19.60
CA SER A 259 -23.46 -28.00 18.45
C SER A 259 -22.00 -28.45 18.40
N VAL A 260 -21.23 -27.93 17.44
CA VAL A 260 -19.82 -28.29 17.31
C VAL A 260 -19.08 -27.81 18.56
N GLY A 261 -19.30 -26.55 18.94
CA GLY A 261 -18.60 -25.96 20.07
C GLY A 261 -19.14 -26.45 21.40
N HIS A 262 -20.45 -26.76 21.43
CA HIS A 262 -21.11 -27.30 22.61
C HIS A 262 -21.37 -28.80 22.43
N HIS A 263 -20.31 -29.56 22.14
CA HIS A 263 -20.39 -30.99 21.95
C HIS A 263 -20.58 -31.71 23.28
N LEU A 264 -20.16 -31.06 24.39
CA LEU A 264 -20.36 -31.55 25.75
C LEU A 264 -19.69 -32.90 25.97
N GLY A 265 -18.67 -33.22 25.18
CA GLY A 265 -17.94 -34.46 25.35
C GLY A 265 -18.63 -35.63 24.65
N LYS A 266 -19.75 -35.36 23.98
CA LYS A 266 -20.53 -36.40 23.33
C LYS A 266 -20.35 -36.28 21.82
N SER A 267 -21.26 -36.86 21.05
CA SER A 267 -21.19 -36.85 19.60
C SER A 267 -21.69 -35.52 19.05
N ILE A 268 -21.06 -35.07 17.97
CA ILE A 268 -21.42 -33.80 17.35
C ILE A 268 -22.56 -34.06 16.37
N PRO A 269 -23.70 -33.35 16.49
CA PRO A 269 -24.80 -33.54 15.56
C PRO A 269 -24.31 -33.33 14.13
N THR A 270 -24.71 -34.25 13.24
CA THR A 270 -24.16 -34.30 11.90
C THR A 270 -24.44 -33.00 11.16
N ASP A 271 -23.39 -32.48 10.52
CA ASP A 271 -23.45 -31.28 9.70
C ASP A 271 -24.17 -30.16 10.45
N ASN A 272 -23.74 -29.89 11.69
CA ASN A 272 -24.35 -28.84 12.51
C ASN A 272 -24.06 -27.47 11.91
N GLN A 273 -22.90 -27.34 11.23
CA GLN A 273 -22.46 -26.06 10.70
C GLN A 273 -22.62 -26.00 9.18
N ILE A 274 -23.26 -27.02 8.59
CA ILE A 274 -23.40 -27.09 7.15
C ILE A 274 -24.87 -27.15 6.72
N LYS A 275 -25.71 -27.87 7.46
CA LYS A 275 -27.12 -28.05 7.10
C LYS A 275 -28.01 -27.61 8.27
N ALA A 276 -29.12 -26.94 7.94
CA ALA A 276 -30.10 -26.57 8.94
C ALA A 276 -30.95 -27.80 9.32
N ARG A 277 -31.55 -27.76 10.52
CA ARG A 277 -32.58 -28.68 10.97
C ARG A 277 -33.81 -27.85 11.34
N LYS A 278 -35.00 -28.40 11.03
N LYS A 278 -35.02 -28.40 11.15
CA LYS A 278 -36.25 -27.67 11.01
CA LYS A 278 -36.24 -27.68 11.48
C LYS A 278 -37.14 -28.12 12.18
C LYS A 278 -37.08 -28.49 12.46
N GLY B 7 23.85 -24.99 20.89
CA GLY B 7 23.31 -23.80 20.18
C GLY B 7 22.21 -24.16 19.17
N ARG B 8 20.96 -24.14 19.64
N ARG B 8 20.96 -24.16 19.64
CA ARG B 8 19.78 -24.26 18.80
CA ARG B 8 19.79 -24.26 18.79
C ARG B 8 19.20 -22.87 18.58
C ARG B 8 19.20 -22.87 18.58
N ARG B 9 18.37 -22.72 17.55
CA ARG B 9 17.82 -21.43 17.16
C ARG B 9 16.32 -21.39 17.43
N ALA B 10 15.84 -20.20 17.80
CA ALA B 10 14.43 -19.96 18.08
C ALA B 10 13.98 -18.70 17.35
N LEU B 11 12.78 -18.77 16.77
CA LEU B 11 12.12 -17.62 16.14
C LEU B 11 10.87 -17.29 16.96
N ILE B 12 10.73 -16.02 17.35
CA ILE B 12 9.56 -15.54 18.08
C ILE B 12 8.82 -14.56 17.18
N VAL B 13 7.58 -14.92 16.83
CA VAL B 13 6.71 -14.09 16.02
C VAL B 13 5.68 -13.43 16.93
N LEU B 14 5.63 -12.10 16.90
CA LEU B 14 4.77 -11.34 17.79
C LEU B 14 3.78 -10.54 16.97
N ALA B 15 2.51 -10.55 17.40
CA ALA B 15 1.46 -9.77 16.74
C ALA B 15 0.74 -8.90 17.78
N HIS B 16 1.43 -7.86 18.25
CA HIS B 16 0.83 -6.79 19.04
C HIS B 16 1.53 -5.46 18.73
N SER B 17 0.72 -4.41 18.62
CA SER B 17 1.17 -3.10 18.19
C SER B 17 1.82 -2.29 19.32
N GLU B 18 1.51 -2.61 20.58
CA GLU B 18 1.88 -1.80 21.73
C GLU B 18 3.02 -2.46 22.53
N ARG B 19 4.08 -1.67 22.82
CA ARG B 19 5.22 -2.14 23.60
C ARG B 19 4.85 -2.20 25.09
N THR B 20 3.71 -1.60 25.45
CA THR B 20 3.24 -1.56 26.84
C THR B 20 2.40 -2.80 27.17
N SER B 21 2.22 -3.69 26.19
CA SER B 21 1.26 -4.78 26.29
C SER B 21 1.86 -5.96 27.04
N PHE B 22 0.99 -6.81 27.60
CA PHE B 22 1.45 -8.03 28.24
C PHE B 22 1.99 -8.99 27.19
N ASN B 23 1.48 -8.89 25.96
CA ASN B 23 1.97 -9.69 24.85
C ASN B 23 3.43 -9.35 24.58
N TYR B 24 3.78 -8.06 24.64
CA TYR B 24 5.16 -7.65 24.42
C TYR B 24 6.03 -8.15 25.58
N ALA B 25 5.47 -8.13 26.79
CA ALA B 25 6.15 -8.59 27.99
C ALA B 25 6.54 -10.05 27.87
N MET B 26 5.61 -10.86 27.34
CA MET B 26 5.80 -12.29 27.21
C MET B 26 6.85 -12.60 26.14
N LYS B 27 6.97 -11.73 25.15
CA LYS B 27 7.97 -11.90 24.11
C LYS B 27 9.37 -11.66 24.70
N GLU B 28 9.48 -10.61 25.53
CA GLU B 28 10.74 -10.25 26.14
C GLU B 28 11.18 -11.35 27.10
N ALA B 29 10.24 -11.80 27.94
CA ALA B 29 10.47 -12.91 28.85
C ALA B 29 11.01 -14.15 28.14
N ALA B 30 10.39 -14.48 27.00
CA ALA B 30 10.76 -15.66 26.24
C ALA B 30 12.19 -15.54 25.72
N ALA B 31 12.53 -14.35 25.22
CA ALA B 31 13.83 -14.12 24.60
C ALA B 31 14.93 -14.21 25.65
N ALA B 32 14.67 -13.59 26.81
CA ALA B 32 15.60 -13.58 27.91
C ALA B 32 15.90 -15.00 28.35
N ALA B 33 14.84 -15.76 28.66
CA ALA B 33 14.96 -17.09 29.21
C ALA B 33 15.75 -18.00 28.25
N LEU B 34 15.41 -17.92 26.97
CA LEU B 34 16.00 -18.80 25.96
C LEU B 34 17.47 -18.45 25.76
N LYS B 35 17.78 -17.15 25.70
CA LYS B 35 19.15 -16.70 25.54
C LYS B 35 20.00 -17.20 26.72
N LYS B 36 19.44 -17.12 27.94
CA LYS B 36 20.15 -17.51 29.16
C LYS B 36 20.57 -18.98 29.07
N LYS B 37 19.75 -19.82 28.43
CA LYS B 37 20.05 -21.23 28.31
C LYS B 37 20.87 -21.53 27.04
N GLY B 38 21.26 -20.47 26.30
CA GLY B 38 22.26 -20.60 25.24
C GLY B 38 21.64 -20.80 23.84
N TRP B 39 20.35 -20.51 23.72
CA TRP B 39 19.70 -20.43 22.42
C TRP B 39 20.09 -19.13 21.73
N GLU B 40 20.12 -19.16 20.39
CA GLU B 40 20.13 -17.95 19.59
C GLU B 40 18.68 -17.58 19.26
N VAL B 41 18.36 -16.28 19.36
CA VAL B 41 16.97 -15.85 19.27
C VAL B 41 16.81 -14.81 18.16
N VAL B 42 15.95 -15.13 17.18
CA VAL B 42 15.56 -14.21 16.13
C VAL B 42 14.10 -13.82 16.36
N GLU B 43 13.72 -12.60 15.96
CA GLU B 43 12.38 -12.10 16.17
C GLU B 43 11.75 -11.64 14.86
N SER B 44 10.42 -11.76 14.81
CA SER B 44 9.59 -11.05 13.84
C SER B 44 8.48 -10.30 14.58
N ASP B 45 8.72 -9.01 14.84
CA ASP B 45 7.71 -8.14 15.43
C ASP B 45 6.94 -7.48 14.29
N LEU B 46 5.80 -8.07 13.92
CA LEU B 46 5.17 -7.80 12.64
C LEU B 46 4.73 -6.34 12.53
N TYR B 47 4.24 -5.77 13.65
CA TYR B 47 3.82 -4.37 13.66
C TYR B 47 5.04 -3.45 13.54
N ALA B 48 6.11 -3.77 14.27
CA ALA B 48 7.31 -2.96 14.29
C ALA B 48 8.00 -2.96 12.93
N MET B 49 7.90 -4.11 12.23
CA MET B 49 8.45 -4.32 10.91
C MET B 49 7.58 -3.67 9.84
N ASN B 50 6.38 -3.20 10.22
CA ASN B 50 5.41 -2.68 9.26
C ASN B 50 5.16 -3.73 8.17
N PHE B 51 5.03 -5.00 8.57
CA PHE B 51 4.94 -6.09 7.62
C PHE B 51 3.65 -5.95 6.82
N ASN B 52 3.73 -6.31 5.54
CA ASN B 52 2.61 -6.23 4.63
C ASN B 52 1.90 -7.58 4.58
N PRO B 53 0.65 -7.67 5.05
CA PRO B 53 -0.05 -8.95 5.15
C PRO B 53 -0.91 -9.38 3.97
N ILE B 54 -0.88 -8.62 2.87
CA ILE B 54 -1.78 -8.87 1.76
C ILE B 54 -1.04 -9.51 0.58
N ILE B 55 -1.49 -10.70 0.19
CA ILE B 55 -0.99 -11.33 -1.02
C ILE B 55 -1.43 -10.52 -2.25
N SER B 56 -0.49 -10.38 -3.21
CA SER B 56 -0.72 -9.65 -4.45
C SER B 56 0.32 -10.05 -5.50
N ARG B 57 0.15 -9.54 -6.72
CA ARG B 57 1.11 -9.73 -7.80
C ARG B 57 2.47 -9.16 -7.42
N LYS B 58 2.50 -8.16 -6.52
CA LYS B 58 3.72 -7.48 -6.16
C LYS B 58 4.68 -8.42 -5.42
N ASP B 59 4.18 -9.59 -4.98
CA ASP B 59 5.01 -10.53 -4.24
C ASP B 59 5.98 -11.25 -5.19
N ILE B 60 5.66 -11.24 -6.50
CA ILE B 60 6.51 -11.78 -7.54
C ILE B 60 7.19 -10.63 -8.28
N THR B 61 8.53 -10.59 -8.23
CA THR B 61 9.30 -9.47 -8.78
C THR B 61 9.70 -9.76 -10.23
N GLY B 62 9.63 -11.03 -10.64
CA GLY B 62 10.03 -11.41 -11.99
C GLY B 62 8.87 -11.33 -12.98
N LYS B 63 8.90 -12.26 -13.95
CA LYS B 63 7.94 -12.31 -15.03
C LYS B 63 6.86 -13.34 -14.68
N LEU B 64 5.59 -12.88 -14.65
CA LEU B 64 4.49 -13.78 -14.36
C LEU B 64 4.43 -14.82 -15.48
N LYS B 65 3.96 -16.02 -15.14
CA LYS B 65 3.74 -17.07 -16.14
C LYS B 65 2.51 -16.74 -16.99
N ASP B 66 1.39 -16.35 -16.36
CA ASP B 66 0.16 -16.06 -17.08
C ASP B 66 -0.53 -14.85 -16.46
N PRO B 67 -0.12 -13.61 -16.81
CA PRO B 67 -0.67 -12.40 -16.21
C PRO B 67 -2.13 -12.13 -16.54
N ALA B 68 -2.66 -12.84 -17.54
CA ALA B 68 -4.05 -12.71 -17.95
C ALA B 68 -4.96 -13.43 -16.96
N ASN B 69 -4.55 -14.64 -16.55
N ASN B 69 -4.55 -14.63 -16.55
CA ASN B 69 -5.27 -15.44 -15.58
CA ASN B 69 -5.27 -15.43 -15.57
C ASN B 69 -4.35 -15.72 -14.39
C ASN B 69 -4.35 -15.72 -14.39
N PHE B 70 -4.27 -14.75 -13.46
CA PHE B 70 -3.30 -14.78 -12.38
C PHE B 70 -3.78 -15.69 -11.25
N GLN B 71 -2.92 -16.62 -10.84
CA GLN B 71 -3.23 -17.55 -9.77
C GLN B 71 -2.07 -17.57 -8.77
N TYR B 72 -2.33 -17.05 -7.56
CA TYR B 72 -1.28 -16.82 -6.57
C TYR B 72 -0.56 -18.14 -6.25
N PRO B 73 -1.26 -19.26 -6.02
CA PRO B 73 -0.60 -20.51 -5.63
C PRO B 73 0.43 -21.02 -6.64
N ALA B 74 0.09 -20.96 -7.93
CA ALA B 74 0.98 -21.44 -8.98
C ALA B 74 2.15 -20.49 -9.20
N GLU B 75 1.83 -19.18 -9.22
CA GLU B 75 2.79 -18.14 -9.53
C GLU B 75 3.81 -17.98 -8.41
N SER B 76 3.37 -18.19 -7.16
CA SER B 76 4.22 -18.03 -6.00
C SER B 76 5.24 -19.18 -5.93
N VAL B 77 4.83 -20.36 -6.38
CA VAL B 77 5.68 -21.54 -6.32
C VAL B 77 6.80 -21.42 -7.36
N LEU B 78 6.45 -20.97 -8.57
CA LEU B 78 7.42 -20.78 -9.64
C LEU B 78 8.45 -19.76 -9.19
N ALA B 79 7.96 -18.68 -8.59
CA ALA B 79 8.81 -17.59 -8.14
C ALA B 79 9.74 -18.05 -7.02
N TYR B 80 9.29 -18.98 -6.19
CA TYR B 80 10.14 -19.51 -5.14
C TYR B 80 11.29 -20.30 -5.78
N LYS B 81 10.95 -21.14 -6.77
CA LYS B 81 11.91 -22.03 -7.39
C LYS B 81 12.95 -21.26 -8.22
N GLU B 82 12.54 -20.15 -8.85
CA GLU B 82 13.41 -19.37 -9.72
C GLU B 82 14.00 -18.16 -8.98
N GLY B 83 13.52 -17.89 -7.76
CA GLY B 83 14.11 -16.90 -6.88
C GLY B 83 13.81 -15.46 -7.28
N HIS B 84 12.56 -15.18 -7.68
N HIS B 84 12.55 -15.19 -7.68
CA HIS B 84 12.12 -13.80 -7.86
CA HIS B 84 12.09 -13.82 -7.91
C HIS B 84 10.92 -13.52 -6.96
C HIS B 84 10.93 -13.51 -6.97
N LEU B 85 11.00 -13.98 -5.71
CA LEU B 85 10.04 -13.61 -4.67
C LEU B 85 10.44 -12.25 -4.12
N SER B 86 9.46 -11.48 -3.66
CA SER B 86 9.75 -10.22 -2.98
C SER B 86 10.70 -10.50 -1.83
N PRO B 87 11.75 -9.65 -1.62
CA PRO B 87 12.72 -9.89 -0.55
C PRO B 87 12.24 -9.86 0.91
N ASP B 88 11.12 -9.18 1.19
CA ASP B 88 10.55 -9.24 2.54
C ASP B 88 10.09 -10.66 2.86
N ILE B 89 9.57 -11.38 1.86
CA ILE B 89 9.13 -12.76 2.03
C ILE B 89 10.33 -13.67 2.27
N VAL B 90 11.43 -13.41 1.55
CA VAL B 90 12.57 -14.31 1.53
C VAL B 90 13.26 -14.23 2.90
N ALA B 91 13.36 -13.01 3.43
CA ALA B 91 14.01 -12.78 4.71
C ALA B 91 13.33 -13.60 5.81
N GLU B 92 11.99 -13.67 5.78
CA GLU B 92 11.23 -14.42 6.77
C GLU B 92 11.42 -15.92 6.59
N GLN B 93 11.48 -16.35 5.32
CA GLN B 93 11.69 -17.75 5.01
C GLN B 93 13.04 -18.25 5.52
N LYS B 94 14.06 -17.39 5.47
CA LYS B 94 15.40 -17.75 5.91
C LYS B 94 15.43 -17.89 7.44
N LYS B 95 14.64 -17.08 8.15
CA LYS B 95 14.56 -17.18 9.59
C LYS B 95 13.91 -18.50 9.99
N LEU B 96 12.87 -18.91 9.24
CA LEU B 96 12.17 -20.15 9.52
C LEU B 96 13.07 -21.36 9.27
N GLU B 97 13.76 -21.37 8.12
CA GLU B 97 14.66 -22.45 7.78
C GLU B 97 15.66 -22.70 8.90
N ALA B 98 16.21 -21.61 9.45
CA ALA B 98 17.24 -21.69 10.47
C ALA B 98 16.68 -22.15 11.82
N ALA B 99 15.41 -21.86 12.11
CA ALA B 99 14.83 -22.02 13.44
C ALA B 99 14.49 -23.48 13.71
N ASP B 100 14.72 -23.92 14.96
CA ASP B 100 14.33 -25.23 15.44
C ASP B 100 13.02 -25.11 16.23
N LEU B 101 12.86 -24.00 16.95
CA LEU B 101 11.68 -23.73 17.75
C LEU B 101 11.06 -22.41 17.28
N VAL B 102 9.74 -22.42 17.04
CA VAL B 102 8.99 -21.24 16.61
C VAL B 102 7.89 -20.98 17.63
N ILE B 103 7.87 -19.75 18.17
CA ILE B 103 6.89 -19.35 19.17
C ILE B 103 6.00 -18.25 18.58
N PHE B 104 4.67 -18.42 18.66
CA PHE B 104 3.75 -17.43 18.18
C PHE B 104 3.08 -16.76 19.38
N GLN B 105 3.29 -15.45 19.51
CA GLN B 105 2.75 -14.67 20.60
C GLN B 105 1.71 -13.68 20.07
N PHE B 106 0.46 -13.81 20.51
CA PHE B 106 -0.60 -12.95 20.03
C PHE B 106 -1.82 -12.98 20.93
N PRO B 107 -2.64 -11.91 20.90
CA PRO B 107 -3.98 -11.96 21.49
C PRO B 107 -4.97 -12.65 20.56
N LEU B 108 -5.81 -13.53 21.14
CA LEU B 108 -6.94 -14.07 20.41
C LEU B 108 -7.79 -12.89 19.94
N GLN B 109 -8.03 -12.81 18.64
CA GLN B 109 -8.89 -11.79 18.04
C GLN B 109 -9.94 -12.47 17.17
N TRP B 110 -11.22 -12.23 17.48
CA TRP B 110 -12.34 -12.85 16.79
C TRP B 110 -12.10 -14.35 16.61
N PHE B 111 -11.76 -15.01 17.72
CA PHE B 111 -11.65 -16.46 17.79
C PHE B 111 -10.58 -16.96 16.84
N GLY B 112 -9.54 -16.15 16.62
CA GLY B 112 -8.51 -16.52 15.66
C GLY B 112 -7.24 -15.68 15.83
N VAL B 113 -6.32 -15.82 14.88
CA VAL B 113 -5.10 -15.02 14.90
C VAL B 113 -5.43 -13.62 14.36
N PRO B 114 -4.65 -12.59 14.75
CA PRO B 114 -4.77 -11.27 14.14
C PRO B 114 -4.49 -11.29 12.64
N ALA B 115 -5.09 -10.32 11.94
CA ALA B 115 -5.02 -10.24 10.49
C ALA B 115 -3.56 -10.24 10.04
N ILE B 116 -2.70 -9.51 10.77
CA ILE B 116 -1.33 -9.32 10.34
C ILE B 116 -0.55 -10.65 10.40
N LEU B 117 -0.89 -11.53 11.33
CA LEU B 117 -0.23 -12.81 11.45
C LEU B 117 -0.79 -13.77 10.40
N LYS B 118 -2.10 -13.69 10.17
CA LYS B 118 -2.74 -14.49 9.13
C LYS B 118 -2.07 -14.25 7.79
N GLY B 119 -1.78 -12.98 7.50
CA GLY B 119 -1.13 -12.56 6.27
C GLY B 119 0.30 -13.06 6.17
N TRP B 120 0.96 -13.13 7.33
CA TRP B 120 2.31 -13.65 7.38
C TRP B 120 2.32 -15.10 6.93
N PHE B 121 1.36 -15.88 7.43
CA PHE B 121 1.20 -17.26 6.98
C PHE B 121 0.97 -17.30 5.47
N GLU B 122 0.11 -16.39 4.99
CA GLU B 122 -0.34 -16.43 3.60
C GLU B 122 0.80 -16.14 2.63
N ARG B 123 1.73 -15.26 3.00
CA ARG B 123 2.80 -14.82 2.12
C ARG B 123 4.10 -15.61 2.33
N VAL B 124 4.27 -16.22 3.50
CA VAL B 124 5.54 -16.88 3.83
C VAL B 124 5.46 -18.40 3.63
N PHE B 125 4.32 -19.02 3.95
CA PHE B 125 4.17 -20.47 3.82
C PHE B 125 3.73 -20.79 2.39
N ILE B 126 4.70 -20.71 1.47
CA ILE B 126 4.51 -20.93 0.05
C ILE B 126 4.67 -22.41 -0.24
N GLY B 127 4.01 -22.90 -1.31
CA GLY B 127 4.17 -24.27 -1.75
C GLY B 127 5.64 -24.59 -2.02
N GLU B 128 6.04 -25.85 -1.78
CA GLU B 128 7.40 -26.34 -2.01
C GLU B 128 8.31 -25.97 -0.84
N PHE B 129 8.15 -24.76 -0.33
CA PHE B 129 8.89 -24.32 0.84
C PHE B 129 8.35 -24.99 2.12
N ALA B 130 7.03 -24.84 2.35
CA ALA B 130 6.41 -25.19 3.62
C ALA B 130 5.54 -26.44 3.53
N TYR B 131 5.14 -26.83 2.31
CA TYR B 131 4.30 -27.99 2.09
C TYR B 131 4.38 -28.39 0.61
N THR B 132 4.06 -29.66 0.27
CA THR B 132 3.93 -30.05 -1.14
C THR B 132 2.58 -30.65 -1.54
N TYR B 133 2.18 -31.77 -0.95
CA TYR B 133 1.09 -32.57 -1.51
C TYR B 133 1.52 -34.02 -1.38
N ALA B 134 2.79 -34.29 -1.71
CA ALA B 134 3.44 -35.54 -1.34
C ALA B 134 3.69 -35.54 0.16
N ALA B 135 4.21 -34.42 0.68
CA ALA B 135 4.58 -34.30 2.09
C ALA B 135 3.61 -33.37 2.83
N MET B 136 2.55 -33.97 3.36
CA MET B 136 1.60 -33.27 4.20
C MET B 136 1.73 -33.78 5.63
N TYR B 137 1.23 -32.98 6.60
CA TYR B 137 1.14 -33.39 7.98
C TYR B 137 2.49 -33.92 8.42
N ASP B 138 2.54 -35.16 8.94
CA ASP B 138 3.72 -35.61 9.66
C ASP B 138 4.88 -35.87 8.71
N LYS B 139 4.63 -35.88 7.40
CA LYS B 139 5.69 -36.10 6.40
C LYS B 139 6.21 -34.76 5.86
N GLY B 140 5.74 -33.64 6.44
CA GLY B 140 5.95 -32.32 5.87
C GLY B 140 7.34 -31.76 6.15
N PRO B 141 7.76 -30.68 5.45
CA PRO B 141 9.13 -30.16 5.53
C PRO B 141 9.61 -29.73 6.93
N PHE B 142 8.68 -29.35 7.81
CA PHE B 142 9.05 -28.79 9.10
C PHE B 142 8.94 -29.83 10.21
N ARG B 143 9.10 -31.11 9.88
CA ARG B 143 8.83 -32.18 10.84
C ARG B 143 9.94 -32.24 11.91
N SER B 144 11.08 -31.59 11.63
CA SER B 144 12.18 -31.54 12.56
C SER B 144 12.08 -30.36 13.54
N LYS B 145 11.06 -29.51 13.38
CA LYS B 145 10.92 -28.30 14.16
C LYS B 145 9.72 -28.40 15.10
N LYS B 146 9.71 -27.55 16.13
CA LYS B 146 8.61 -27.52 17.10
C LYS B 146 8.03 -26.12 17.13
N ALA B 147 6.71 -26.04 17.32
CA ALA B 147 6.03 -24.76 17.40
C ALA B 147 5.10 -24.76 18.62
N VAL B 148 4.86 -23.57 19.16
CA VAL B 148 3.95 -23.39 20.28
C VAL B 148 3.22 -22.05 20.14
N LEU B 149 1.92 -22.06 20.45
CA LEU B 149 1.13 -20.85 20.54
C LEU B 149 1.15 -20.35 21.98
N SER B 150 1.32 -19.04 22.14
CA SER B 150 1.12 -18.36 23.43
C SER B 150 0.07 -17.28 23.23
N ILE B 151 -1.10 -17.47 23.84
CA ILE B 151 -2.28 -16.69 23.53
C ILE B 151 -2.77 -15.99 24.80
N THR B 152 -3.28 -14.76 24.64
CA THR B 152 -4.04 -14.09 25.68
C THR B 152 -5.47 -13.91 25.22
N THR B 153 -6.42 -13.95 26.18
CA THR B 153 -7.82 -13.67 25.92
C THR B 153 -8.31 -12.65 26.95
N GLY B 154 -9.40 -11.96 26.63
CA GLY B 154 -10.09 -11.12 27.57
C GLY B 154 -11.04 -11.96 28.43
N GLY B 155 -11.68 -12.96 27.82
CA GLY B 155 -12.63 -13.80 28.52
C GLY B 155 -11.96 -14.79 29.48
N SER B 156 -12.72 -15.30 30.44
CA SER B 156 -12.23 -16.24 31.43
C SER B 156 -12.27 -17.67 30.88
N GLY B 157 -11.51 -18.55 31.52
CA GLY B 157 -11.37 -19.92 31.08
C GLY B 157 -12.70 -20.69 31.16
N SER B 158 -13.60 -20.28 32.06
N SER B 158 -13.59 -20.28 32.05
CA SER B 158 -14.88 -20.93 32.20
CA SER B 158 -14.89 -20.93 32.21
C SER B 158 -15.71 -20.73 30.93
C SER B 158 -15.71 -20.73 30.93
N MET B 159 -15.54 -19.58 30.27
CA MET B 159 -16.27 -19.26 29.05
C MET B 159 -15.88 -20.19 27.90
N TYR B 160 -14.66 -20.73 27.93
CA TYR B 160 -14.18 -21.61 26.89
C TYR B 160 -14.10 -23.07 27.35
N SER B 161 -14.78 -23.39 28.46
CA SER B 161 -14.87 -24.77 28.92
C SER B 161 -15.96 -25.50 28.12
N LEU B 162 -16.12 -26.80 28.37
CA LEU B 162 -17.10 -27.59 27.64
C LEU B 162 -18.49 -26.98 27.81
N GLN B 163 -18.76 -26.34 28.96
CA GLN B 163 -20.09 -25.85 29.26
C GLN B 163 -20.18 -24.33 29.19
N GLY B 164 -19.09 -23.67 28.72
CA GLY B 164 -19.07 -22.22 28.64
C GLY B 164 -19.84 -21.67 27.44
N ILE B 165 -20.26 -20.41 27.54
CA ILE B 165 -21.05 -19.74 26.51
C ILE B 165 -20.37 -19.85 25.14
N HIS B 166 -19.03 -19.68 25.10
CA HIS B 166 -18.29 -19.65 23.85
C HIS B 166 -17.96 -21.03 23.30
N GLY B 167 -17.92 -22.04 24.18
CA GLY B 167 -17.69 -23.40 23.75
C GLY B 167 -16.20 -23.78 23.81
N ASP B 168 -15.94 -25.05 23.50
CA ASP B 168 -14.66 -25.69 23.74
C ASP B 168 -13.54 -24.93 23.02
N MET B 169 -12.47 -24.64 23.75
CA MET B 169 -11.29 -23.97 23.24
C MET B 169 -10.55 -24.90 22.27
N ASN B 170 -10.65 -26.22 22.49
CA ASN B 170 -9.98 -27.18 21.64
C ASN B 170 -10.45 -27.05 20.19
N VAL B 171 -11.72 -26.69 20.01
CA VAL B 171 -12.28 -26.54 18.67
C VAL B 171 -11.74 -25.28 18.00
N ILE B 172 -11.56 -24.22 18.79
CA ILE B 172 -11.05 -22.95 18.29
C ILE B 172 -9.60 -23.07 17.83
N LEU B 173 -8.78 -23.87 18.52
CA LEU B 173 -7.36 -23.95 18.22
C LEU B 173 -7.08 -24.87 17.03
N TRP B 174 -8.01 -25.78 16.73
CA TRP B 174 -7.78 -26.86 15.79
C TRP B 174 -7.36 -26.32 14.41
N PRO B 175 -8.08 -25.37 13.80
CA PRO B 175 -7.73 -24.87 12.46
C PRO B 175 -6.31 -24.32 12.39
N ILE B 176 -5.84 -23.73 13.50
CA ILE B 176 -4.51 -23.16 13.55
C ILE B 176 -3.49 -24.29 13.72
N GLN B 177 -3.65 -25.09 14.78
CA GLN B 177 -2.63 -26.05 15.16
C GLN B 177 -2.54 -27.18 14.14
N SER B 178 -3.70 -27.67 13.65
CA SER B 178 -3.72 -28.74 12.66
C SER B 178 -3.55 -28.17 11.25
N GLY B 179 -4.42 -27.22 10.92
CA GLY B 179 -4.56 -26.75 9.56
C GLY B 179 -3.34 -25.98 9.03
N ILE B 180 -2.65 -25.23 9.91
CA ILE B 180 -1.54 -24.40 9.47
C ILE B 180 -0.21 -25.03 9.90
N LEU B 181 -0.09 -25.34 11.19
CA LEU B 181 1.20 -25.71 11.75
C LEU B 181 1.52 -27.17 11.44
N HIS B 182 0.62 -28.08 11.82
CA HIS B 182 0.89 -29.50 11.64
C HIS B 182 0.91 -29.85 10.15
N PHE B 183 0.08 -29.16 9.36
CA PHE B 183 0.00 -29.38 7.93
C PHE B 183 1.38 -29.27 7.29
N CYS B 184 2.22 -28.35 7.79
CA CYS B 184 3.55 -28.14 7.23
C CYS B 184 4.60 -29.02 7.90
N GLY B 185 4.21 -29.81 8.91
CA GLY B 185 5.10 -30.79 9.53
C GLY B 185 5.39 -30.52 11.00
N PHE B 186 5.21 -29.27 11.47
CA PHE B 186 5.59 -28.90 12.83
C PHE B 186 5.01 -29.90 13.83
N GLN B 187 5.85 -30.30 14.78
CA GLN B 187 5.37 -30.85 16.04
C GLN B 187 4.84 -29.70 16.89
N VAL B 188 3.61 -29.84 17.39
CA VAL B 188 2.94 -28.75 18.07
C VAL B 188 2.90 -29.06 19.56
N LEU B 189 3.43 -28.13 20.35
CA LEU B 189 3.49 -28.29 21.80
C LEU B 189 2.22 -27.72 22.42
N GLU B 190 2.03 -28.01 23.70
CA GLU B 190 0.85 -27.55 24.42
C GLU B 190 0.82 -26.03 24.34
N PRO B 191 -0.33 -25.42 24.00
CA PRO B 191 -0.45 -23.97 23.94
C PRO B 191 -0.33 -23.37 25.34
N GLN B 192 0.25 -22.18 25.41
CA GLN B 192 0.26 -21.39 26.62
C GLN B 192 -0.94 -20.44 26.58
N LEU B 193 -1.93 -20.72 27.43
CA LEU B 193 -3.17 -19.96 27.44
C LEU B 193 -3.23 -19.09 28.70
N THR B 194 -3.29 -17.78 28.48
CA THR B 194 -3.41 -16.81 29.55
C THR B 194 -4.81 -16.19 29.46
N TYR B 195 -5.73 -16.66 30.29
CA TYR B 195 -7.10 -16.18 30.24
C TYR B 195 -7.24 -14.87 31.04
N SER B 196 -8.23 -14.07 30.66
CA SER B 196 -8.68 -12.89 31.37
C SER B 196 -7.52 -12.00 31.85
N ILE B 197 -6.64 -11.68 30.91
CA ILE B 197 -5.44 -10.91 31.16
C ILE B 197 -5.80 -9.47 31.51
N GLY B 198 -6.99 -9.03 31.06
CA GLY B 198 -7.43 -7.68 31.32
C GLY B 198 -7.73 -7.43 32.79
N HIS B 199 -8.12 -8.49 33.52
CA HIS B 199 -8.47 -8.36 34.93
C HIS B 199 -7.45 -9.06 35.82
N THR B 200 -6.21 -9.16 35.33
CA THR B 200 -5.14 -9.74 36.11
C THR B 200 -4.23 -8.61 36.58
N PRO B 201 -3.99 -8.46 37.89
CA PRO B 201 -3.10 -7.41 38.39
C PRO B 201 -1.61 -7.67 38.12
N ALA B 202 -0.80 -6.61 38.27
CA ALA B 202 0.61 -6.60 37.89
C ALA B 202 1.42 -7.67 38.60
N ASP B 203 1.08 -7.95 39.88
CA ASP B 203 1.84 -8.90 40.67
C ASP B 203 1.62 -10.30 40.10
N ALA B 204 0.38 -10.54 39.63
CA ALA B 204 0.01 -11.84 39.09
C ALA B 204 0.64 -12.03 37.70
N ARG B 205 0.63 -10.96 36.88
CA ARG B 205 1.22 -11.00 35.56
C ARG B 205 2.71 -11.35 35.65
N ILE B 206 3.42 -10.86 36.66
CA ILE B 206 4.85 -11.11 36.79
C ILE B 206 5.07 -12.58 37.14
N GLN B 207 4.16 -13.15 37.94
CA GLN B 207 4.20 -14.57 38.27
C GLN B 207 4.02 -15.40 37.00
N ILE B 208 3.09 -14.96 36.15
CA ILE B 208 2.80 -15.65 34.90
C ILE B 208 4.01 -15.60 33.98
N LEU B 209 4.64 -14.43 33.87
CA LEU B 209 5.86 -14.26 33.11
C LEU B 209 6.94 -15.20 33.64
N GLU B 210 7.04 -15.33 34.97
CA GLU B 210 8.06 -16.16 35.58
C GLU B 210 7.77 -17.63 35.29
N GLY B 211 6.48 -18.00 35.24
CA GLY B 211 6.09 -19.37 34.94
C GLY B 211 6.34 -19.76 33.48
N TRP B 212 6.07 -18.81 32.58
CA TRP B 212 6.39 -18.92 31.15
C TRP B 212 7.89 -19.20 31.02
N LYS B 213 8.72 -18.37 31.68
CA LYS B 213 10.16 -18.48 31.60
C LYS B 213 10.60 -19.85 32.09
N LYS B 214 9.99 -20.32 33.19
CA LYS B 214 10.39 -21.57 33.80
C LYS B 214 10.10 -22.71 32.82
N ARG B 215 8.93 -22.66 32.17
CA ARG B 215 8.54 -23.65 31.18
C ARG B 215 9.56 -23.74 30.06
N LEU B 216 10.05 -22.59 29.59
CA LEU B 216 10.88 -22.52 28.41
C LEU B 216 12.24 -23.17 28.63
N GLU B 217 12.65 -23.36 29.89
CA GLU B 217 13.94 -23.98 30.18
C GLU B 217 13.97 -25.43 29.71
N ASN B 218 12.81 -26.11 29.66
CA ASN B 218 12.76 -27.52 29.28
C ASN B 218 11.83 -27.75 28.09
N ILE B 219 11.48 -26.68 27.36
CA ILE B 219 10.44 -26.74 26.35
C ILE B 219 10.75 -27.82 25.32
N TRP B 220 12.04 -28.02 25.01
CA TRP B 220 12.42 -28.90 23.92
C TRP B 220 12.20 -30.37 24.29
N ASP B 221 12.07 -30.70 25.57
CA ASP B 221 11.96 -32.09 26.02
C ASP B 221 10.51 -32.50 26.19
N GLU B 222 9.56 -31.61 25.86
CA GLU B 222 8.14 -31.86 26.06
C GLU B 222 7.61 -32.82 24.99
N THR B 223 6.51 -33.51 25.34
CA THR B 223 5.84 -34.38 24.41
C THR B 223 4.80 -33.56 23.64
N PRO B 224 4.76 -33.65 22.29
CA PRO B 224 3.80 -32.89 21.48
C PRO B 224 2.35 -33.39 21.48
N LEU B 225 1.43 -32.57 20.92
CA LEU B 225 0.02 -32.90 20.85
C LEU B 225 -0.20 -34.05 19.87
N TYR B 226 -1.32 -34.77 20.03
CA TYR B 226 -1.65 -35.89 19.16
C TYR B 226 -2.48 -35.43 17.97
N PHE B 227 -1.97 -35.73 16.76
CA PHE B 227 -2.73 -35.72 15.52
C PHE B 227 -2.70 -37.11 14.88
N ALA B 228 -3.80 -37.49 14.22
CA ALA B 228 -3.87 -38.74 13.47
C ALA B 228 -2.70 -38.83 12.50
N PRO B 229 -1.87 -39.90 12.54
CA PRO B 229 -0.76 -40.03 11.59
C PRO B 229 -1.28 -40.13 10.15
N SER B 230 -0.49 -39.61 9.21
CA SER B 230 -0.89 -39.59 7.81
C SER B 230 -1.00 -41.02 7.28
N SER B 231 -0.26 -41.95 7.90
CA SER B 231 -0.19 -43.33 7.46
C SER B 231 -1.53 -44.06 7.62
N LEU B 232 -2.48 -43.47 8.38
CA LEU B 232 -3.83 -43.99 8.48
C LEU B 232 -4.65 -43.71 7.22
N PHE B 233 -4.08 -42.99 6.24
CA PHE B 233 -4.84 -42.50 5.10
C PHE B 233 -4.22 -42.98 3.79
N ASP B 234 -5.07 -43.06 2.74
CA ASP B 234 -4.64 -43.36 1.38
C ASP B 234 -4.30 -42.05 0.66
N LEU B 235 -2.99 -41.76 0.53
CA LEU B 235 -2.53 -40.45 0.12
C LEU B 235 -2.41 -40.38 -1.40
N ASN B 236 -3.55 -40.51 -2.10
CA ASN B 236 -3.59 -40.27 -3.54
C ASN B 236 -4.99 -39.81 -3.92
N PHE B 237 -5.08 -39.15 -5.09
CA PHE B 237 -6.26 -38.41 -5.52
C PHE B 237 -7.41 -39.35 -5.86
N GLN B 238 -7.08 -40.58 -6.26
CA GLN B 238 -8.08 -41.55 -6.70
C GLN B 238 -8.85 -42.09 -5.49
N ALA B 239 -8.18 -42.20 -4.35
CA ALA B 239 -8.78 -42.72 -3.13
C ALA B 239 -9.47 -41.61 -2.33
N GLY B 240 -9.12 -40.35 -2.65
CA GLY B 240 -9.79 -39.18 -2.08
C GLY B 240 -9.21 -38.73 -0.74
N PHE B 241 -7.98 -39.19 -0.46
CA PHE B 241 -7.31 -38.93 0.81
C PHE B 241 -8.22 -39.38 1.97
N LEU B 242 -8.85 -40.55 1.81
CA LEU B 242 -9.73 -41.04 2.85
C LEU B 242 -8.97 -41.97 3.77
N MET B 243 -9.54 -42.16 4.96
CA MET B 243 -9.02 -43.11 5.93
C MET B 243 -9.11 -44.51 5.33
N LYS B 244 -8.02 -45.28 5.43
CA LYS B 244 -7.97 -46.63 4.90
C LYS B 244 -9.07 -47.49 5.52
N LYS B 245 -9.56 -48.47 4.76
CA LYS B 245 -10.69 -49.30 5.18
C LYS B 245 -10.34 -50.13 6.41
N GLU B 246 -9.13 -50.71 6.43
N GLU B 246 -9.13 -50.71 6.43
CA GLU B 246 -8.70 -51.53 7.55
CA GLU B 246 -8.68 -51.53 7.54
C GLU B 246 -8.72 -50.70 8.83
C GLU B 246 -8.72 -50.70 8.83
N VAL B 247 -8.35 -49.42 8.73
CA VAL B 247 -8.25 -48.54 9.87
C VAL B 247 -9.66 -48.14 10.32
N GLN B 248 -10.58 -48.01 9.38
CA GLN B 248 -11.97 -47.70 9.72
C GLN B 248 -12.57 -48.83 10.54
N ASP B 249 -12.20 -50.07 10.18
CA ASP B 249 -12.76 -51.26 10.79
C ASP B 249 -12.21 -51.42 12.22
N GLU B 250 -10.92 -51.10 12.41
CA GLU B 250 -10.29 -51.17 13.71
C GLU B 250 -10.90 -50.16 14.69
N GLU B 251 -11.42 -49.02 14.18
CA GLU B 251 -11.92 -47.93 15.00
C GLU B 251 -13.44 -48.02 15.17
N LYS B 252 -14.09 -48.89 14.40
CA LYS B 252 -15.55 -48.95 14.34
C LYS B 252 -16.15 -49.03 15.74
N ASN B 253 -15.51 -49.80 16.63
CA ASN B 253 -16.10 -50.13 17.92
C ASN B 253 -15.63 -49.21 19.05
N LYS B 254 -14.59 -48.39 18.82
CA LYS B 254 -14.04 -47.56 19.90
C LYS B 254 -15.04 -46.45 20.23
N LYS B 255 -14.91 -45.89 21.43
CA LYS B 255 -15.84 -44.90 21.96
C LYS B 255 -15.38 -43.48 21.63
N PHE B 256 -14.05 -43.26 21.60
CA PHE B 256 -13.49 -41.95 21.32
C PHE B 256 -13.02 -41.91 19.87
N GLY B 257 -13.12 -40.74 19.25
CA GLY B 257 -12.44 -40.46 17.99
C GLY B 257 -10.95 -40.22 18.24
N LEU B 258 -10.23 -39.84 17.17
CA LEU B 258 -8.77 -39.74 17.20
C LEU B 258 -8.32 -38.34 17.64
N SER B 259 -9.07 -37.30 17.23
CA SER B 259 -8.69 -35.91 17.46
C SER B 259 -9.94 -35.05 17.29
N VAL B 260 -9.79 -33.72 17.39
CA VAL B 260 -10.92 -32.81 17.26
C VAL B 260 -11.46 -32.90 15.84
N GLY B 261 -10.55 -32.85 14.85
CA GLY B 261 -10.96 -32.86 13.46
C GLY B 261 -11.39 -34.25 13.00
N HIS B 262 -10.75 -35.27 13.59
CA HIS B 262 -11.05 -36.67 13.30
C HIS B 262 -11.86 -37.29 14.45
N HIS B 263 -12.99 -36.66 14.78
CA HIS B 263 -13.85 -37.13 15.85
C HIS B 263 -14.65 -38.34 15.41
N LEU B 264 -14.84 -38.49 14.08
CA LEU B 264 -15.49 -39.64 13.46
C LEU B 264 -16.92 -39.84 13.97
N GLY B 265 -17.56 -38.78 14.44
CA GLY B 265 -18.93 -38.84 14.89
C GLY B 265 -19.05 -39.32 16.32
N LYS B 266 -17.91 -39.57 16.98
CA LYS B 266 -17.89 -40.09 18.33
C LYS B 266 -17.43 -38.97 19.27
N SER B 267 -16.98 -39.32 20.48
CA SER B 267 -16.56 -38.34 21.47
C SER B 267 -15.15 -37.85 21.16
N ILE B 268 -14.91 -36.57 21.43
CA ILE B 268 -13.60 -35.97 21.22
C ILE B 268 -12.76 -36.21 22.47
N PRO B 269 -11.55 -36.82 22.34
CA PRO B 269 -10.68 -37.05 23.48
C PRO B 269 -10.42 -35.72 24.19
N THR B 270 -10.50 -35.75 25.52
CA THR B 270 -10.47 -34.54 26.32
C THR B 270 -9.15 -33.80 26.10
N ASP B 271 -9.28 -32.48 25.88
CA ASP B 271 -8.15 -31.57 25.72
C ASP B 271 -7.16 -32.13 24.71
N ASN B 272 -7.66 -32.53 23.52
CA ASN B 272 -6.81 -33.08 22.47
C ASN B 272 -5.84 -32.01 21.95
N GLN B 273 -6.28 -30.74 21.97
CA GLN B 273 -5.51 -29.64 21.40
C GLN B 273 -4.87 -28.78 22.49
N ILE B 274 -4.97 -29.22 23.75
CA ILE B 274 -4.46 -28.43 24.86
C ILE B 274 -3.43 -29.21 25.68
N LYS B 275 -3.61 -30.52 25.86
CA LYS B 275 -2.70 -31.33 26.66
C LYS B 275 -2.21 -32.52 25.84
N ALA B 276 -0.92 -32.87 26.00
CA ALA B 276 -0.37 -34.07 25.39
C ALA B 276 -0.77 -35.30 26.19
N ARG B 277 -0.45 -36.48 25.65
N ARG B 277 -0.52 -36.49 25.65
CA ARG B 277 -0.65 -37.73 26.37
CA ARG B 277 -0.91 -37.72 26.32
C ARG B 277 0.51 -37.98 27.34
C ARG B 277 0.32 -38.38 26.98
N ALA C 2 -23.56 -2.08 -19.08
CA ALA C 2 -23.68 -2.27 -17.62
C ALA C 2 -23.79 -0.93 -16.92
N ALA C 3 -24.36 -0.92 -15.69
CA ALA C 3 -24.33 0.24 -14.82
C ALA C 3 -22.94 0.33 -14.19
N ALA C 4 -22.82 0.09 -12.87
CA ALA C 4 -21.54 0.11 -12.17
C ALA C 4 -20.80 1.40 -12.48
N MET C 5 -19.71 1.65 -11.72
CA MET C 5 -19.02 2.93 -11.70
C MET C 5 -19.98 4.07 -11.34
N VAL C 6 -21.16 3.73 -10.80
CA VAL C 6 -22.15 4.72 -10.43
C VAL C 6 -21.90 5.02 -8.97
N GLY C 7 -21.77 6.31 -8.66
CA GLY C 7 -21.31 6.71 -7.33
C GLY C 7 -19.79 6.70 -7.22
N ARG C 8 -19.08 6.52 -8.36
CA ARG C 8 -17.66 6.83 -8.39
C ARG C 8 -17.40 8.22 -8.97
N ARG C 9 -16.44 8.92 -8.34
CA ARG C 9 -16.16 10.32 -8.64
C ARG C 9 -14.77 10.44 -9.27
N ALA C 10 -14.65 11.39 -10.20
CA ALA C 10 -13.41 11.65 -10.91
C ALA C 10 -13.12 13.13 -10.91
N LEU C 11 -11.86 13.49 -10.67
CA LEU C 11 -11.39 14.86 -10.73
C LEU C 11 -10.41 14.96 -11.91
N ILE C 12 -10.66 15.93 -12.79
CA ILE C 12 -9.75 16.21 -13.88
C ILE C 12 -9.13 17.59 -13.62
N VAL C 13 -7.81 17.59 -13.49
CA VAL C 13 -7.03 18.82 -13.32
C VAL C 13 -6.36 19.14 -14.65
N LEU C 14 -6.63 20.34 -15.18
CA LEU C 14 -6.12 20.75 -16.48
C LEU C 14 -5.22 21.96 -16.30
N ALA C 15 -4.07 21.96 -16.98
CA ALA C 15 -3.14 23.06 -16.96
C ALA C 15 -2.79 23.54 -18.38
N HIS C 16 -3.79 24.16 -19.03
CA HIS C 16 -3.62 24.80 -20.32
C HIS C 16 -4.55 26.01 -20.42
N SER C 17 -4.03 27.11 -20.97
CA SER C 17 -4.75 28.38 -21.01
C SER C 17 -5.74 28.44 -22.17
N GLU C 18 -5.53 27.64 -23.23
CA GLU C 18 -6.26 27.77 -24.48
C GLU C 18 -7.29 26.66 -24.66
N ARG C 19 -8.53 27.06 -25.00
CA ARG C 19 -9.64 26.14 -25.25
C ARG C 19 -9.49 25.49 -26.63
N THR C 20 -8.57 26.02 -27.45
CA THR C 20 -8.34 25.52 -28.80
C THR C 20 -7.32 24.38 -28.80
N SER C 21 -6.79 24.04 -27.61
CA SER C 21 -5.63 23.18 -27.49
C SER C 21 -6.05 21.72 -27.53
N PHE C 22 -5.11 20.85 -27.91
CA PHE C 22 -5.36 19.41 -27.87
C PHE C 22 -5.48 18.94 -26.43
N ASN C 23 -4.84 19.66 -25.50
CA ASN C 23 -4.96 19.40 -24.07
C ASN C 23 -6.41 19.59 -23.63
N TYR C 24 -7.05 20.63 -24.13
CA TYR C 24 -8.44 20.89 -23.79
C TYR C 24 -9.32 19.80 -24.40
N ALA C 25 -8.97 19.37 -25.60
CA ALA C 25 -9.70 18.32 -26.31
C ALA C 25 -9.70 17.02 -25.53
N MET C 26 -8.55 16.69 -24.96
CA MET C 26 -8.37 15.46 -24.20
C MET C 26 -9.15 15.51 -22.88
N LYS C 27 -9.31 16.73 -22.34
CA LYS C 27 -10.05 16.89 -21.11
C LYS C 27 -11.53 16.65 -21.37
N GLU C 28 -12.02 17.16 -22.51
CA GLU C 28 -13.42 17.01 -22.89
C GLU C 28 -13.74 15.55 -23.17
N ALA C 29 -12.85 14.90 -23.94
CA ALA C 29 -12.96 13.49 -24.25
C ALA C 29 -13.07 12.66 -22.97
N ALA C 30 -12.23 12.97 -21.98
CA ALA C 30 -12.17 12.21 -20.75
C ALA C 30 -13.48 12.34 -19.99
N ALA C 31 -14.02 13.56 -19.96
CA ALA C 31 -15.21 13.85 -19.18
C ALA C 31 -16.42 13.15 -19.81
N ALA C 32 -16.49 13.19 -21.14
CA ALA C 32 -17.55 12.56 -21.90
C ALA C 32 -17.57 11.05 -21.61
N ALA C 33 -16.43 10.40 -21.82
CA ALA C 33 -16.32 8.95 -21.69
C ALA C 33 -16.71 8.50 -20.29
N LEU C 34 -16.21 9.22 -19.29
CA LEU C 34 -16.42 8.85 -17.89
C LEU C 34 -17.88 9.04 -17.50
N LYS C 35 -18.47 10.17 -17.93
CA LYS C 35 -19.88 10.44 -17.67
C LYS C 35 -20.75 9.34 -18.27
N LYS C 36 -20.41 8.90 -19.48
CA LYS C 36 -21.19 7.90 -20.19
C LYS C 36 -21.24 6.60 -19.40
N LYS C 37 -20.16 6.28 -18.68
CA LYS C 37 -20.12 5.07 -17.88
C LYS C 37 -20.66 5.30 -16.47
N GLY C 38 -21.15 6.51 -16.18
CA GLY C 38 -21.91 6.76 -14.97
C GLY C 38 -21.07 7.34 -13.83
N TRP C 39 -19.85 7.81 -14.14
CA TRP C 39 -19.04 8.56 -13.21
C TRP C 39 -19.60 9.97 -13.05
N GLU C 40 -19.43 10.55 -11.85
CA GLU C 40 -19.56 11.98 -11.65
C GLU C 40 -18.19 12.63 -11.89
N VAL C 41 -18.17 13.76 -12.60
CA VAL C 41 -16.92 14.39 -13.00
C VAL C 41 -16.85 15.82 -12.47
N VAL C 42 -15.80 16.10 -11.69
CA VAL C 42 -15.50 17.44 -11.23
C VAL C 42 -14.21 17.90 -11.92
N GLU C 43 -14.09 19.21 -12.17
CA GLU C 43 -12.95 19.75 -12.89
C GLU C 43 -12.24 20.82 -12.07
N SER C 44 -10.93 20.93 -12.29
CA SER C 44 -10.15 22.10 -11.92
C SER C 44 -9.37 22.60 -13.14
N ASP C 45 -9.94 23.58 -13.84
CA ASP C 45 -9.28 24.24 -14.95
C ASP C 45 -8.52 25.44 -14.38
N LEU C 46 -7.24 25.25 -14.13
CA LEU C 46 -6.49 26.14 -13.25
C LEU C 46 -6.39 27.53 -13.86
N TYR C 47 -6.24 27.63 -15.19
CA TYR C 47 -6.17 28.93 -15.84
C TYR C 47 -7.54 29.61 -15.83
N ALA C 48 -8.61 28.85 -16.08
CA ALA C 48 -9.97 29.39 -16.13
C ALA C 48 -10.37 29.91 -14.76
N MET C 49 -9.89 29.22 -13.71
CA MET C 49 -10.15 29.56 -12.32
C MET C 49 -9.27 30.71 -11.86
N ASN C 50 -8.29 31.10 -12.67
CA ASN C 50 -7.30 32.09 -12.30
C ASN C 50 -6.64 31.71 -10.97
N PHE C 51 -6.28 30.44 -10.85
CA PHE C 51 -5.74 29.90 -9.60
C PHE C 51 -4.42 30.58 -9.27
N ASN C 52 -4.21 30.80 -7.96
CA ASN C 52 -3.01 31.44 -7.45
C ASN C 52 -2.00 30.38 -7.05
N PRO C 53 -0.84 30.28 -7.75
CA PRO C 53 0.11 29.18 -7.52
C PRO C 53 1.23 29.45 -6.53
N ILE C 54 1.19 30.59 -5.85
CA ILE C 54 2.30 30.99 -4.99
C ILE C 54 1.93 30.84 -3.51
N ILE C 55 2.72 30.02 -2.81
CA ILE C 55 2.60 29.89 -1.36
C ILE C 55 3.01 31.22 -0.70
N SER C 56 2.25 31.59 0.34
CA SER C 56 2.47 32.81 1.11
C SER C 56 1.76 32.71 2.46
N ARG C 57 1.98 33.72 3.31
CA ARG C 57 1.29 33.85 4.57
C ARG C 57 -0.22 33.98 4.36
N LYS C 58 -0.64 34.50 3.19
CA LYS C 58 -2.04 34.76 2.92
C LYS C 58 -2.83 33.45 2.84
N ASP C 59 -2.14 32.30 2.78
CA ASP C 59 -2.80 31.01 2.70
C ASP C 59 -3.41 30.63 4.06
N ILE C 60 -2.91 31.27 5.13
CA ILE C 60 -3.44 31.11 6.48
C ILE C 60 -4.25 32.36 6.83
N THR C 61 -5.55 32.19 7.10
CA THR C 61 -6.46 33.30 7.34
C THR C 61 -6.53 33.62 8.83
N GLY C 62 -6.11 32.69 9.69
CA GLY C 62 -6.12 32.89 11.12
C GLY C 62 -4.84 33.54 11.64
N LYS C 63 -4.46 33.14 12.86
CA LYS C 63 -3.33 33.73 13.57
C LYS C 63 -2.13 32.82 13.40
N LEU C 64 -1.03 33.36 12.86
CA LEU C 64 0.20 32.60 12.71
C LEU C 64 0.69 32.22 14.11
N LYS C 65 1.35 31.06 14.23
CA LYS C 65 1.96 30.62 15.47
C LYS C 65 3.21 31.46 15.78
N ASP C 66 4.08 31.67 14.78
CA ASP C 66 5.32 32.41 14.99
C ASP C 66 5.59 33.32 13.79
N PRO C 67 4.96 34.53 13.74
CA PRO C 67 5.10 35.43 12.59
C PRO C 67 6.50 35.99 12.40
N ALA C 68 7.34 35.87 13.42
CA ALA C 68 8.71 36.36 13.37
C ALA C 68 9.57 35.43 12.53
N ASN C 69 9.39 34.12 12.74
CA ASN C 69 10.11 33.10 12.00
C ASN C 69 9.10 32.20 11.30
N PHE C 70 8.62 32.63 10.12
CA PHE C 70 7.51 32.00 9.44
C PHE C 70 7.99 30.77 8.67
N GLN C 71 7.31 29.64 8.92
CA GLN C 71 7.63 28.38 8.27
C GLN C 71 6.37 27.74 7.69
N TYR C 72 6.30 27.72 6.35
CA TYR C 72 5.09 27.36 5.62
C TYR C 72 4.62 25.96 6.04
N PRO C 73 5.52 24.95 6.10
CA PRO C 73 5.09 23.58 6.39
C PRO C 73 4.38 23.42 7.73
N ALA C 74 4.92 24.05 8.78
CA ALA C 74 4.36 23.92 10.13
C ALA C 74 3.07 24.73 10.25
N GLU C 75 3.08 25.95 9.69
CA GLU C 75 1.97 26.88 9.82
C GLU C 75 0.77 26.42 9.02
N SER C 76 1.02 25.77 7.88
CA SER C 76 -0.04 25.29 7.01
C SER C 76 -0.76 24.10 7.64
N VAL C 77 -0.02 23.29 8.40
CA VAL C 77 -0.57 22.08 9.00
C VAL C 77 -1.48 22.47 10.16
N LEU C 78 -1.05 23.44 10.98
CA LEU C 78 -1.85 23.93 12.09
C LEU C 78 -3.16 24.48 11.56
N ALA C 79 -3.05 25.27 10.48
CA ALA C 79 -4.19 25.92 9.87
C ALA C 79 -5.15 24.90 9.28
N TYR C 80 -4.63 23.77 8.80
CA TYR C 80 -5.48 22.72 8.28
C TYR C 80 -6.29 22.13 9.43
N LYS C 81 -5.62 21.85 10.55
CA LYS C 81 -6.24 21.18 11.70
C LYS C 81 -7.29 22.07 12.37
N GLU C 82 -7.06 23.40 12.40
CA GLU C 82 -7.95 24.33 13.07
C GLU C 82 -8.91 25.00 12.08
N GLY C 83 -8.71 24.78 10.78
CA GLY C 83 -9.65 25.19 9.75
C GLY C 83 -9.64 26.69 9.44
N HIS C 84 -8.45 27.30 9.40
N HIS C 84 -8.45 27.31 9.40
CA HIS C 84 -8.32 28.66 8.90
CA HIS C 84 -8.32 28.66 8.90
C HIS C 84 -7.39 28.69 7.68
C HIS C 84 -7.40 28.70 7.68
N LEU C 85 -7.57 27.73 6.77
CA LEU C 85 -6.88 27.74 5.49
C LEU C 85 -7.65 28.66 4.54
N SER C 86 -6.92 29.27 3.59
CA SER C 86 -7.55 30.07 2.55
C SER C 86 -8.65 29.25 1.88
N PRO C 87 -9.84 29.83 1.60
CA PRO C 87 -10.94 29.08 0.97
C PRO C 87 -10.71 28.51 -0.43
N ASP C 88 -9.82 29.12 -1.22
CA ASP C 88 -9.49 28.55 -2.53
C ASP C 88 -8.80 27.20 -2.36
N ILE C 89 -7.97 27.05 -1.32
CA ILE C 89 -7.30 25.79 -1.02
C ILE C 89 -8.31 24.74 -0.56
N VAL C 90 -9.29 25.16 0.23
CA VAL C 90 -10.20 24.23 0.88
C VAL C 90 -11.12 23.63 -0.20
N ALA C 91 -11.56 24.47 -1.14
CA ALA C 91 -12.43 24.02 -2.21
C ALA C 91 -11.78 22.89 -3.01
N GLU C 92 -10.48 23.01 -3.27
CA GLU C 92 -9.74 22.00 -4.02
C GLU C 92 -9.57 20.73 -3.18
N GLN C 93 -9.33 20.90 -1.88
CA GLN C 93 -9.17 19.78 -0.97
C GLN C 93 -10.43 18.94 -0.91
N LYS C 94 -11.60 19.59 -0.98
CA LYS C 94 -12.88 18.89 -0.92
C LYS C 94 -13.08 18.07 -2.20
N LYS C 95 -12.62 18.57 -3.34
CA LYS C 95 -12.72 17.84 -4.59
C LYS C 95 -11.86 16.58 -4.54
N LEU C 96 -10.66 16.70 -3.96
CA LEU C 96 -9.74 15.59 -3.84
C LEU C 96 -10.30 14.52 -2.91
N GLU C 97 -10.80 14.94 -1.73
CA GLU C 97 -11.37 14.01 -0.76
C GLU C 97 -12.45 13.15 -1.41
N ALA C 98 -13.29 13.78 -2.22
CA ALA C 98 -14.44 13.12 -2.83
C ALA C 98 -14.03 12.16 -3.96
N ALA C 99 -12.91 12.49 -4.65
CA ALA C 99 -12.56 11.82 -5.89
C ALA C 99 -11.93 10.45 -5.62
N ASP C 100 -12.26 9.48 -6.48
CA ASP C 100 -11.65 8.16 -6.47
C ASP C 100 -10.55 8.08 -7.54
N LEU C 101 -10.76 8.76 -8.68
CA LEU C 101 -9.81 8.82 -9.77
C LEU C 101 -9.46 10.28 -10.01
N VAL C 102 -8.15 10.58 -10.10
CA VAL C 102 -7.66 11.90 -10.42
C VAL C 102 -6.81 11.82 -11.70
N ILE C 103 -7.18 12.64 -12.69
CA ILE C 103 -6.45 12.71 -13.95
C ILE C 103 -5.79 14.08 -14.05
N PHE C 104 -4.50 14.10 -14.39
CA PHE C 104 -3.77 15.34 -14.60
C PHE C 104 -3.50 15.47 -16.08
N GLN C 105 -4.03 16.55 -16.69
CA GLN C 105 -3.85 16.83 -18.10
C GLN C 105 -3.03 18.09 -18.28
N PHE C 106 -1.87 17.95 -18.92
CA PHE C 106 -0.98 19.08 -19.11
C PHE C 106 0.04 18.80 -20.21
N PRO C 107 0.58 19.87 -20.81
CA PRO C 107 1.79 19.76 -21.65
C PRO C 107 3.05 19.70 -20.80
N LEU C 108 3.96 18.79 -21.17
CA LEU C 108 5.30 18.80 -20.62
C LEU C 108 5.92 20.17 -20.89
N GLN C 109 6.34 20.85 -19.83
CA GLN C 109 7.05 22.12 -19.92
C GLN C 109 8.36 22.02 -19.13
N TRP C 110 9.47 22.25 -19.81
CA TRP C 110 10.80 22.13 -19.25
C TRP C 110 10.94 20.84 -18.44
N PHE C 111 10.56 19.73 -19.07
CA PHE C 111 10.77 18.39 -18.53
C PHE C 111 10.00 18.22 -17.21
N GLY C 112 8.88 18.92 -17.08
CA GLY C 112 8.13 18.88 -15.83
C GLY C 112 6.71 19.40 -16.02
N VAL C 113 6.02 19.59 -14.89
CA VAL C 113 4.68 20.14 -14.93
C VAL C 113 4.78 21.65 -15.10
N PRO C 114 3.73 22.29 -15.67
CA PRO C 114 3.61 23.75 -15.69
C PRO C 114 3.65 24.36 -14.29
N ALA C 115 4.13 25.61 -14.23
CA ALA C 115 4.27 26.30 -12.95
C ALA C 115 2.95 26.35 -12.22
N ILE C 116 1.83 26.56 -12.93
CA ILE C 116 0.55 26.74 -12.25
C ILE C 116 0.09 25.42 -11.60
N LEU C 117 0.46 24.28 -12.17
CA LEU C 117 0.10 22.98 -11.57
C LEU C 117 1.04 22.68 -10.41
N LYS C 118 2.32 23.03 -10.57
CA LYS C 118 3.30 22.87 -9.50
C LYS C 118 2.82 23.60 -8.25
N GLY C 119 2.30 24.81 -8.43
CA GLY C 119 1.80 25.63 -7.35
C GLY C 119 0.55 25.02 -6.71
N TRP C 120 -0.25 24.35 -7.52
CA TRP C 120 -1.44 23.68 -7.03
C TRP C 120 -1.02 22.59 -6.04
N PHE C 121 0.00 21.80 -6.41
CA PHE C 121 0.55 20.80 -5.51
C PHE C 121 1.03 21.45 -4.23
N GLU C 122 1.71 22.59 -4.37
CA GLU C 122 2.40 23.23 -3.26
C GLU C 122 1.41 23.77 -2.23
N ARG C 123 0.24 24.26 -2.68
CA ARG C 123 -0.74 24.88 -1.82
C ARG C 123 -1.84 23.92 -1.36
N VAL C 124 -2.07 22.83 -2.09
CA VAL C 124 -3.19 21.95 -1.80
C VAL C 124 -2.74 20.68 -1.05
N PHE C 125 -1.55 20.16 -1.36
CA PHE C 125 -1.04 18.96 -0.71
C PHE C 125 -0.32 19.35 0.58
N ILE C 126 -1.13 19.65 1.60
CA ILE C 126 -0.67 20.10 2.89
C ILE C 126 -0.41 18.90 3.77
N GLY C 127 0.51 19.02 4.74
CA GLY C 127 0.75 17.96 5.72
C GLY C 127 -0.55 17.59 6.44
N GLU C 128 -0.68 16.32 6.84
CA GLU C 128 -1.83 15.79 7.58
C GLU C 128 -2.99 15.49 6.62
N PHE C 129 -3.23 16.40 5.66
CA PHE C 129 -4.23 16.17 4.63
C PHE C 129 -3.75 15.11 3.63
N ALA C 130 -2.57 15.33 3.04
CA ALA C 130 -2.10 14.57 1.89
C ALA C 130 -0.95 13.64 2.25
N TYR C 131 -0.25 13.89 3.36
CA TYR C 131 0.86 13.05 3.79
C TYR C 131 1.09 13.28 5.28
N THR C 132 1.66 12.26 5.96
CA THR C 132 2.31 12.42 7.25
C THR C 132 3.61 11.63 7.18
N TYR C 133 4.43 11.72 8.23
CA TYR C 133 5.72 11.04 8.18
C TYR C 133 5.55 9.60 8.67
N ALA C 134 4.47 9.34 9.42
CA ALA C 134 4.10 7.98 9.77
C ALA C 134 3.59 7.24 8.53
N ALA C 135 2.75 7.89 7.72
CA ALA C 135 2.12 7.28 6.56
C ALA C 135 2.68 7.87 5.27
N MET C 136 3.77 7.26 4.78
CA MET C 136 4.37 7.65 3.52
C MET C 136 4.09 6.58 2.46
N TYR C 137 4.22 6.96 1.19
CA TYR C 137 4.15 6.01 0.08
C TYR C 137 2.90 5.15 0.25
N ASP C 138 3.04 3.82 0.30
CA ASP C 138 1.86 2.96 0.13
C ASP C 138 0.94 3.03 1.35
N LYS C 139 1.42 3.62 2.45
CA LYS C 139 0.61 3.75 3.67
C LYS C 139 -0.06 5.12 3.75
N GLY C 140 0.04 5.91 2.69
CA GLY C 140 -0.36 7.31 2.73
C GLY C 140 -1.88 7.53 2.62
N PRO C 141 -2.38 8.75 2.90
CA PRO C 141 -3.83 9.04 2.95
C PRO C 141 -4.64 8.72 1.70
N PHE C 142 -4.00 8.76 0.52
CA PHE C 142 -4.72 8.63 -0.73
C PHE C 142 -4.60 7.22 -1.31
N ARG C 143 -4.40 6.20 -0.44
CA ARG C 143 -4.07 4.87 -0.91
C ARG C 143 -5.30 4.20 -1.54
N SER C 144 -6.49 4.76 -1.28
CA SER C 144 -7.72 4.21 -1.84
C SER C 144 -8.05 4.83 -3.19
N LYS C 145 -7.24 5.79 -3.66
CA LYS C 145 -7.49 6.51 -4.91
C LYS C 145 -6.47 6.13 -5.98
N LYS C 146 -6.80 6.43 -7.23
CA LYS C 146 -5.92 6.18 -8.36
C LYS C 146 -5.68 7.48 -9.11
N ALA C 147 -4.46 7.64 -9.63
CA ALA C 147 -4.10 8.83 -10.37
C ALA C 147 -3.40 8.43 -11.68
N VAL C 148 -3.52 9.31 -12.68
CA VAL C 148 -2.86 9.11 -13.96
C VAL C 148 -2.46 10.46 -14.54
N LEU C 149 -1.27 10.50 -15.14
CA LEU C 149 -0.80 11.63 -15.92
C LEU C 149 -1.18 11.42 -17.38
N SER C 150 -1.69 12.48 -18.01
CA SER C 150 -1.89 12.53 -19.45
C SER C 150 -1.11 13.71 -20.00
N ILE C 151 -0.03 13.41 -20.75
CA ILE C 151 0.97 14.40 -21.09
C ILE C 151 1.05 14.53 -22.60
N THR C 152 1.25 15.76 -23.08
CA THR C 152 1.62 16.00 -24.46
C THR C 152 3.04 16.59 -24.48
N THR C 153 3.80 16.28 -25.54
CA THR C 153 5.12 16.86 -25.72
C THR C 153 5.21 17.41 -27.14
N GLY C 154 6.17 18.32 -27.35
CA GLY C 154 6.51 18.78 -28.67
C GLY C 154 7.47 17.80 -29.34
N GLY C 155 8.41 17.26 -28.55
CA GLY C 155 9.43 16.36 -29.06
C GLY C 155 8.86 14.98 -29.38
N SER C 156 9.57 14.24 -30.25
CA SER C 156 9.16 12.92 -30.67
C SER C 156 9.57 11.86 -29.65
N GLY C 157 8.92 10.69 -29.71
CA GLY C 157 9.18 9.61 -28.77
C GLY C 157 10.61 9.09 -28.87
N SER C 158 11.22 9.20 -30.05
CA SER C 158 12.58 8.73 -30.25
C SER C 158 13.55 9.56 -29.39
N MET C 159 13.23 10.85 -29.21
CA MET C 159 14.06 11.75 -28.43
C MET C 159 14.09 11.36 -26.94
N TYR C 160 13.03 10.69 -26.46
CA TYR C 160 12.95 10.29 -25.08
C TYR C 160 13.12 8.77 -24.90
N SER C 161 13.65 8.10 -25.93
CA SER C 161 13.99 6.69 -25.83
C SER C 161 15.32 6.54 -25.11
N LEU C 162 15.74 5.29 -24.84
CA LEU C 162 16.99 5.04 -24.15
C LEU C 162 18.16 5.70 -24.90
N GLN C 163 18.06 5.80 -26.23
CA GLN C 163 19.16 6.29 -27.04
C GLN C 163 18.90 7.70 -27.59
N GLY C 164 17.81 8.34 -27.15
CA GLY C 164 17.46 9.67 -27.62
C GLY C 164 18.30 10.77 -26.94
N ILE C 165 18.42 11.90 -27.62
CA ILE C 165 19.22 13.04 -27.15
C ILE C 165 18.79 13.44 -25.74
N HIS C 166 17.47 13.45 -25.45
CA HIS C 166 16.94 13.92 -24.17
C HIS C 166 17.04 12.86 -23.06
N GLY C 167 17.10 11.57 -23.43
CA GLY C 167 17.27 10.51 -22.46
C GLY C 167 15.92 9.94 -22.00
N ASP C 168 16.00 8.90 -21.17
CA ASP C 168 14.87 8.06 -20.82
C ASP C 168 13.76 8.89 -20.18
N MET C 169 12.53 8.69 -20.69
CA MET C 169 11.34 9.36 -20.19
C MET C 169 11.00 8.83 -18.79
N ASN C 170 11.38 7.57 -18.50
CA ASN C 170 11.13 6.99 -17.19
C ASN C 170 11.77 7.83 -16.08
N VAL C 171 12.93 8.41 -16.36
CA VAL C 171 13.64 9.21 -15.39
C VAL C 171 12.93 10.53 -15.16
N ILE C 172 12.38 11.09 -16.23
CA ILE C 172 11.67 12.37 -16.19
C ILE C 172 10.38 12.28 -15.38
N LEU C 173 9.67 11.14 -15.44
CA LEU C 173 8.37 11.03 -14.79
C LEU C 173 8.53 10.72 -13.31
N TRP C 174 9.69 10.17 -12.91
CA TRP C 174 9.88 9.62 -11.58
C TRP C 174 9.58 10.66 -10.48
N PRO C 175 10.15 11.88 -10.52
CA PRO C 175 9.93 12.88 -9.47
C PRO C 175 8.45 13.20 -9.25
N ILE C 176 7.67 13.14 -10.35
CA ILE C 176 6.26 13.43 -10.29
C ILE C 176 5.52 12.21 -9.73
N GLN C 177 5.70 11.05 -10.38
CA GLN C 177 4.88 9.89 -10.06
C GLN C 177 5.22 9.34 -8.68
N SER C 178 6.52 9.27 -8.34
CA SER C 178 6.94 8.77 -7.05
C SER C 178 6.88 9.87 -6.00
N GLY C 179 7.55 10.99 -6.31
CA GLY C 179 7.80 12.04 -5.36
C GLY C 179 6.54 12.79 -4.89
N ILE C 180 5.57 12.97 -5.79
CA ILE C 180 4.36 13.74 -5.47
C ILE C 180 3.17 12.80 -5.27
N LEU C 181 2.92 11.91 -6.24
CA LEU C 181 1.66 11.18 -6.27
C LEU C 181 1.75 9.98 -5.33
N HIS C 182 2.76 9.12 -5.51
CA HIS C 182 2.85 7.91 -4.72
C HIS C 182 3.16 8.25 -3.27
N PHE C 183 3.93 9.33 -3.06
CA PHE C 183 4.30 9.77 -1.73
C PHE C 183 3.05 9.96 -0.85
N CYS C 184 1.97 10.45 -1.45
CA CYS C 184 0.74 10.72 -0.73
C CYS C 184 -0.18 9.50 -0.70
N GLY C 185 0.19 8.40 -1.37
CA GLY C 185 -0.56 7.16 -1.28
C GLY C 185 -1.17 6.70 -2.60
N PHE C 186 -1.35 7.61 -3.57
CA PHE C 186 -2.02 7.28 -4.81
C PHE C 186 -1.39 6.02 -5.43
N GLN C 187 -2.26 5.12 -5.88
CA GLN C 187 -1.88 4.13 -6.86
C GLN C 187 -1.77 4.82 -8.21
N VAL C 188 -0.64 4.66 -8.90
CA VAL C 188 -0.37 5.42 -10.10
C VAL C 188 -0.48 4.50 -11.29
N LEU C 189 -1.35 4.88 -12.22
CA LEU C 189 -1.59 4.09 -13.42
C LEU C 189 -0.65 4.54 -14.52
N GLU C 190 -0.58 3.73 -15.58
CA GLU C 190 0.30 3.99 -16.69
C GLU C 190 0.00 5.37 -17.23
N PRO C 191 1.03 6.21 -17.46
CA PRO C 191 0.81 7.54 -18.03
C PRO C 191 0.31 7.41 -19.47
N GLN C 192 -0.51 8.38 -19.88
CA GLN C 192 -0.90 8.54 -21.27
C GLN C 192 0.05 9.54 -21.91
N LEU C 193 0.93 9.04 -22.80
CA LEU C 193 1.95 9.88 -23.42
C LEU C 193 1.61 10.11 -24.89
N THR C 194 1.40 11.39 -25.24
CA THR C 194 1.10 11.77 -26.60
C THR C 194 2.28 12.60 -27.12
N TYR C 195 3.18 11.95 -27.88
CA TYR C 195 4.39 12.62 -28.32
C TYR C 195 4.11 13.44 -29.58
N SER C 196 4.93 14.50 -29.78
CA SER C 196 4.95 15.32 -31.00
C SER C 196 3.56 15.62 -31.53
N ILE C 197 2.68 16.15 -30.69
CA ILE C 197 1.28 16.38 -31.04
C ILE C 197 1.17 17.47 -32.12
N GLY C 198 2.16 18.36 -32.17
CA GLY C 198 2.15 19.45 -33.12
C GLY C 198 2.32 18.96 -34.55
N HIS C 199 2.99 17.82 -34.74
CA HIS C 199 3.34 17.29 -36.05
C HIS C 199 2.59 15.97 -36.28
N THR C 200 1.43 15.84 -35.66
CA THR C 200 0.61 14.66 -35.83
C THR C 200 -0.58 15.08 -36.71
N PRO C 201 -0.84 14.36 -37.82
CA PRO C 201 -2.01 14.66 -38.65
C PRO C 201 -3.37 14.40 -38.02
N ALA C 202 -4.42 15.00 -38.59
CA ALA C 202 -5.71 15.17 -37.93
C ALA C 202 -6.37 13.82 -37.73
N ASP C 203 -6.16 12.90 -38.68
CA ASP C 203 -6.77 11.60 -38.61
C ASP C 203 -6.16 10.83 -37.46
N ALA C 204 -4.87 11.03 -37.21
CA ALA C 204 -4.17 10.36 -36.12
C ALA C 204 -4.60 10.94 -34.77
N ARG C 205 -4.75 12.26 -34.68
CA ARG C 205 -5.21 12.91 -33.47
C ARG C 205 -6.58 12.41 -33.01
N ILE C 206 -7.46 12.15 -33.99
CA ILE C 206 -8.80 11.68 -33.68
C ILE C 206 -8.73 10.26 -33.14
N GLN C 207 -7.81 9.45 -33.69
CA GLN C 207 -7.56 8.10 -33.20
C GLN C 207 -7.08 8.15 -31.77
N ILE C 208 -6.21 9.12 -31.45
CA ILE C 208 -5.66 9.28 -30.12
C ILE C 208 -6.79 9.58 -29.14
N LEU C 209 -7.67 10.54 -29.51
CA LEU C 209 -8.82 10.88 -28.68
C LEU C 209 -9.68 9.63 -28.45
N GLU C 210 -9.87 8.85 -29.52
CA GLU C 210 -10.75 7.69 -29.48
C GLU C 210 -10.13 6.62 -28.58
N GLY C 211 -8.79 6.50 -28.63
CA GLY C 211 -8.06 5.51 -27.85
C GLY C 211 -8.06 5.85 -26.36
N TRP C 212 -7.91 7.14 -26.05
CA TRP C 212 -8.03 7.67 -24.70
C TRP C 212 -9.39 7.28 -24.13
N LYS C 213 -10.44 7.56 -24.89
CA LYS C 213 -11.80 7.30 -24.45
C LYS C 213 -11.99 5.81 -24.18
N LYS C 214 -11.45 4.98 -25.07
CA LYS C 214 -11.64 3.53 -24.98
C LYS C 214 -10.98 3.05 -23.68
N ARG C 215 -9.78 3.55 -23.41
CA ARG C 215 -9.02 3.18 -22.21
C ARG C 215 -9.84 3.48 -20.96
N LEU C 216 -10.49 4.65 -20.94
CA LEU C 216 -11.13 5.16 -19.74
C LEU C 216 -12.33 4.30 -19.33
N GLU C 217 -12.88 3.50 -20.26
CA GLU C 217 -14.02 2.65 -19.96
C GLU C 217 -13.66 1.60 -18.91
N ASN C 218 -12.39 1.16 -18.85
CA ASN C 218 -11.99 0.12 -17.90
C ASN C 218 -10.84 0.57 -17.00
N ILE C 219 -10.61 1.90 -16.91
CA ILE C 219 -9.44 2.45 -16.26
C ILE C 219 -9.30 1.90 -14.84
N TRP C 220 -10.43 1.67 -14.15
CA TRP C 220 -10.40 1.31 -12.75
C TRP C 220 -9.89 -0.11 -12.52
N ASP C 221 -9.90 -0.96 -13.56
CA ASP C 221 -9.54 -2.36 -13.41
C ASP C 221 -8.08 -2.59 -13.79
N GLU C 222 -7.34 -1.52 -14.09
CA GLU C 222 -5.96 -1.63 -14.56
C GLU C 222 -5.02 -1.97 -13.40
N THR C 223 -3.87 -2.54 -13.75
CA THR C 223 -2.80 -2.75 -12.78
C THR C 223 -1.96 -1.48 -12.69
N PRO C 224 -1.68 -0.98 -11.47
CA PRO C 224 -0.80 0.19 -11.29
C PRO C 224 0.70 -0.09 -11.44
N LEU C 225 1.49 0.99 -11.52
CA LEU C 225 2.93 0.91 -11.69
C LEU C 225 3.57 0.34 -10.42
N TYR C 226 4.76 -0.24 -10.55
CA TYR C 226 5.50 -0.80 -9.43
C TYR C 226 6.42 0.25 -8.79
N PHE C 227 6.20 0.47 -7.49
CA PHE C 227 7.14 1.13 -6.60
C PHE C 227 7.52 0.16 -5.47
N ALA C 228 8.77 0.24 -5.00
CA ALA C 228 9.23 -0.55 -3.87
C ALA C 228 8.27 -0.35 -2.71
N PRO C 229 7.69 -1.42 -2.10
CA PRO C 229 6.79 -1.24 -0.95
C PRO C 229 7.54 -0.63 0.23
N SER C 230 6.84 0.18 1.03
CA SER C 230 7.48 0.90 2.13
C SER C 230 7.98 -0.10 3.18
N SER C 231 7.35 -1.28 3.22
CA SER C 231 7.65 -2.31 4.18
C SER C 231 9.07 -2.88 3.99
N LEU C 232 9.74 -2.59 2.86
CA LEU C 232 11.14 -2.95 2.66
C LEU C 232 12.07 -2.04 3.45
N PHE C 233 11.54 -1.02 4.15
CA PHE C 233 12.38 0.00 4.76
C PHE C 233 12.10 0.12 6.26
N ASP C 234 13.09 0.64 7.00
CA ASP C 234 12.96 0.98 8.41
C ASP C 234 12.54 2.44 8.53
N LEU C 235 11.25 2.67 8.82
CA LEU C 235 10.67 4.00 8.67
C LEU C 235 10.79 4.79 9.97
N ASN C 236 12.03 5.05 10.41
CA ASN C 236 12.28 5.88 11.58
C ASN C 236 13.63 6.58 11.42
N PHE C 237 13.81 7.68 12.18
CA PHE C 237 14.90 8.62 11.95
C PHE C 237 16.24 8.04 12.38
N GLN C 238 16.21 7.08 13.31
CA GLN C 238 17.41 6.47 13.85
C GLN C 238 18.05 5.54 12.82
N ALA C 239 17.22 4.89 12.00
CA ALA C 239 17.69 3.98 10.97
C ALA C 239 17.99 4.71 9.66
N GLY C 240 17.47 5.93 9.52
CA GLY C 240 17.76 6.80 8.39
C GLY C 240 16.82 6.59 7.20
N PHE C 241 15.68 5.91 7.44
CA PHE C 241 14.76 5.51 6.38
C PHE C 241 15.50 4.73 5.30
N LEU C 242 16.39 3.84 5.74
CA LEU C 242 17.15 3.02 4.83
C LEU C 242 16.42 1.70 4.67
N MET C 243 16.79 1.02 3.58
CA MET C 243 16.31 -0.32 3.28
C MET C 243 16.81 -1.24 4.39
N LYS C 244 15.92 -2.09 4.93
CA LYS C 244 16.26 -3.03 5.97
C LYS C 244 17.44 -3.91 5.54
N LYS C 245 18.27 -4.34 6.51
CA LYS C 245 19.49 -5.06 6.21
C LYS C 245 19.17 -6.41 5.56
N GLU C 246 18.18 -7.12 6.09
CA GLU C 246 17.82 -8.44 5.56
C GLU C 246 17.42 -8.31 4.08
N VAL C 247 16.76 -7.19 3.74
CA VAL C 247 16.27 -6.96 2.39
C VAL C 247 17.44 -6.62 1.47
N GLN C 248 18.43 -5.90 2.02
CA GLN C 248 19.62 -5.56 1.25
C GLN C 248 20.37 -6.83 0.86
N ASP C 249 20.38 -7.81 1.79
CA ASP C 249 21.13 -9.04 1.59
C ASP C 249 20.45 -9.91 0.54
N GLU C 250 19.12 -9.93 0.55
CA GLU C 250 18.35 -10.70 -0.42
C GLU C 250 18.54 -10.16 -1.85
N GLU C 251 18.79 -8.84 -1.97
CA GLU C 251 18.85 -8.17 -3.28
C GLU C 251 20.29 -8.04 -3.78
N LYS C 252 21.26 -8.33 -2.90
CA LYS C 252 22.67 -8.15 -3.21
C LYS C 252 23.01 -8.79 -4.56
N ASN C 253 22.43 -9.96 -4.85
CA ASN C 253 22.85 -10.77 -5.98
C ASN C 253 22.00 -10.56 -7.23
N LYS C 254 20.86 -9.87 -7.11
CA LYS C 254 19.98 -9.70 -8.26
C LYS C 254 20.62 -8.74 -9.26
N LYS C 255 20.17 -8.81 -10.52
CA LYS C 255 20.79 -8.08 -11.62
C LYS C 255 20.11 -6.75 -11.85
N PHE C 256 18.79 -6.69 -11.60
CA PHE C 256 17.98 -5.49 -11.78
C PHE C 256 17.72 -4.88 -10.41
N GLY C 257 17.64 -3.55 -10.37
CA GLY C 257 17.11 -2.83 -9.22
C GLY C 257 15.59 -2.95 -9.15
N LEU C 258 14.98 -2.23 -8.20
CA LEU C 258 13.54 -2.34 -7.93
C LEU C 258 12.72 -1.37 -8.79
N SER C 259 13.28 -0.18 -9.04
CA SER C 259 12.58 0.92 -9.71
C SER C 259 13.61 1.93 -10.23
N VAL C 260 13.13 3.04 -10.79
CA VAL C 260 14.02 4.08 -11.31
C VAL C 260 14.80 4.68 -10.15
N GLY C 261 14.09 5.06 -9.07
CA GLY C 261 14.71 5.73 -7.94
C GLY C 261 15.50 4.75 -7.07
N HIS C 262 15.02 3.49 -7.04
CA HIS C 262 15.66 2.42 -6.29
C HIS C 262 16.37 1.47 -7.25
N HIS C 263 17.27 2.03 -8.07
CA HIS C 263 18.04 1.25 -9.02
C HIS C 263 19.15 0.48 -8.33
N LEU C 264 19.58 0.97 -7.15
CA LEU C 264 20.56 0.33 -6.29
C LEU C 264 21.90 0.12 -7.01
N GLY C 265 22.18 0.94 -8.02
CA GLY C 265 23.44 0.89 -8.74
C GLY C 265 23.44 -0.18 -9.82
N LYS C 266 22.30 -0.86 -10.01
CA LYS C 266 22.19 -1.93 -10.98
C LYS C 266 21.33 -1.44 -12.14
N SER C 267 20.79 -2.35 -12.95
CA SER C 267 20.04 -1.98 -14.14
C SER C 267 18.60 -1.62 -13.76
N ILE C 268 18.02 -0.64 -14.47
CA ILE C 268 16.65 -0.19 -14.18
C ILE C 268 15.68 -1.06 -14.97
N PRO C 269 14.70 -1.71 -14.31
CA PRO C 269 13.74 -2.55 -15.03
C PRO C 269 13.04 -1.70 -16.08
N THR C 270 12.89 -2.29 -17.26
CA THR C 270 12.45 -1.57 -18.44
C THR C 270 11.06 -0.97 -18.21
N ASP C 271 10.94 0.31 -18.59
CA ASP C 271 9.69 1.06 -18.53
C ASP C 271 9.02 0.90 -17.17
N ASN C 272 9.79 1.13 -16.09
CA ASN C 272 9.26 0.99 -14.74
C ASN C 272 8.19 2.06 -14.47
N GLN C 273 8.34 3.23 -15.11
CA GLN C 273 7.45 4.36 -14.85
C GLN C 273 6.44 4.54 -15.99
N ILE C 274 6.42 3.62 -16.96
CA ILE C 274 5.56 3.76 -18.12
C ILE C 274 4.59 2.58 -18.28
N LYS C 275 5.04 1.36 -17.96
CA LYS C 275 4.22 0.17 -18.10
C LYS C 275 4.16 -0.58 -16.77
N ALA C 276 2.99 -1.16 -16.44
CA ALA C 276 2.87 -2.01 -15.26
C ALA C 276 3.51 -3.38 -15.54
N ARG C 277 3.89 -4.10 -14.48
CA ARG C 277 4.65 -5.34 -14.61
C ARG C 277 3.73 -6.46 -15.09
N LYS C 278 4.30 -7.35 -15.91
CA LYS C 278 3.65 -8.56 -16.39
C LYS C 278 4.65 -9.73 -16.32
N VAL D 6 39.01 37.56 -10.82
CA VAL D 6 37.94 37.21 -11.80
C VAL D 6 36.90 38.35 -11.80
N GLY D 7 37.23 39.49 -12.39
CA GLY D 7 36.29 40.61 -12.49
C GLY D 7 35.18 40.30 -13.48
N ARG D 8 34.31 39.35 -13.15
CA ARG D 8 33.21 38.95 -14.06
C ARG D 8 31.86 39.30 -13.43
N ARG D 9 30.76 38.84 -14.03
CA ARG D 9 29.44 39.14 -13.52
C ARG D 9 28.75 37.86 -13.05
N ALA D 10 27.92 38.00 -12.01
CA ALA D 10 27.20 36.89 -11.41
C ALA D 10 25.75 37.30 -11.18
N LEU D 11 24.83 36.36 -11.44
CA LEU D 11 23.41 36.51 -11.15
C LEU D 11 23.02 35.50 -10.09
N ILE D 12 22.37 35.97 -9.01
CA ILE D 12 21.86 35.09 -7.98
C ILE D 12 20.33 35.16 -8.02
N VAL D 13 19.72 34.01 -8.30
CA VAL D 13 18.27 33.87 -8.34
C VAL D 13 17.84 33.17 -7.06
N LEU D 14 16.95 33.82 -6.29
CA LEU D 14 16.53 33.31 -5.01
C LEU D 14 15.02 33.06 -5.05
N ALA D 15 14.60 31.90 -4.52
CA ALA D 15 13.19 31.57 -4.42
C ALA D 15 12.84 31.18 -3.00
N HIS D 16 12.83 32.18 -2.10
CA HIS D 16 12.31 32.04 -0.74
C HIS D 16 11.66 33.35 -0.32
N SER D 17 10.50 33.24 0.35
CA SER D 17 9.71 34.41 0.72
C SER D 17 10.24 35.10 1.98
N GLU D 18 10.98 34.36 2.83
CA GLU D 18 11.33 34.81 4.17
C GLU D 18 12.81 35.22 4.25
N ARG D 19 13.05 36.43 4.79
CA ARG D 19 14.38 36.96 4.99
C ARG D 19 15.04 36.31 6.21
N THR D 20 14.25 35.58 7.00
CA THR D 20 14.73 34.92 8.20
C THR D 20 15.30 33.54 7.88
N SER D 21 15.24 33.15 6.60
CA SER D 21 15.50 31.77 6.19
C SER D 21 17.00 31.55 6.01
N PHE D 22 17.41 30.28 6.12
CA PHE D 22 18.79 29.91 5.85
C PHE D 22 19.08 30.08 4.36
N ASN D 23 18.04 29.96 3.51
CA ASN D 23 18.15 30.22 2.09
C ASN D 23 18.58 31.67 1.85
N TYR D 24 17.99 32.59 2.61
CA TYR D 24 18.34 33.99 2.47
C TYR D 24 19.77 34.21 2.96
N ALA D 25 20.15 33.50 4.02
CA ALA D 25 21.49 33.57 4.59
C ALA D 25 22.55 33.17 3.57
N MET D 26 22.25 32.10 2.81
CA MET D 26 23.16 31.56 1.82
C MET D 26 23.30 32.52 0.64
N LYS D 27 22.23 33.28 0.35
CA LYS D 27 22.27 34.24 -0.72
C LYS D 27 23.21 35.39 -0.35
N GLU D 28 23.10 35.84 0.90
CA GLU D 28 23.89 36.95 1.41
C GLU D 28 25.36 36.55 1.43
N ALA D 29 25.63 35.35 1.96
CA ALA D 29 26.97 34.79 2.01
C ALA D 29 27.60 34.78 0.62
N ALA D 30 26.83 34.34 -0.38
CA ALA D 30 27.33 34.20 -1.73
C ALA D 30 27.71 35.56 -2.30
N ALA D 31 26.86 36.56 -2.03
CA ALA D 31 27.04 37.89 -2.60
C ALA D 31 28.27 38.55 -2.00
N ALA D 32 28.41 38.40 -0.68
CA ALA D 32 29.55 38.94 0.05
C ALA D 32 30.85 38.37 -0.50
N ALA D 33 30.94 37.05 -0.52
CA ALA D 33 32.16 36.36 -0.93
C ALA D 33 32.56 36.76 -2.35
N LEU D 34 31.60 36.80 -3.26
CA LEU D 34 31.86 37.06 -4.67
C LEU D 34 32.30 38.51 -4.85
N LYS D 35 31.63 39.43 -4.16
CA LYS D 35 31.99 40.84 -4.23
C LYS D 35 33.43 41.04 -3.75
N LYS D 36 33.80 40.35 -2.67
CA LYS D 36 35.12 40.48 -2.07
C LYS D 36 36.20 40.09 -3.08
N LYS D 37 35.90 39.13 -3.95
CA LYS D 37 36.86 38.68 -4.95
C LYS D 37 36.73 39.50 -6.25
N GLY D 38 35.87 40.53 -6.25
CA GLY D 38 35.84 41.52 -7.31
C GLY D 38 34.81 41.23 -8.41
N TRP D 39 33.86 40.33 -8.14
CA TRP D 39 32.72 40.09 -9.01
C TRP D 39 31.72 41.22 -8.87
N GLU D 40 31.01 41.53 -9.97
CA GLU D 40 29.77 42.30 -9.94
C GLU D 40 28.60 41.34 -9.73
N VAL D 41 27.66 41.68 -8.83
CA VAL D 41 26.60 40.77 -8.45
C VAL D 41 25.25 41.42 -8.71
N VAL D 42 24.43 40.77 -9.55
CA VAL D 42 23.04 41.17 -9.75
C VAL D 42 22.14 40.10 -9.13
N GLU D 43 20.96 40.51 -8.66
CA GLU D 43 20.06 39.60 -7.96
C GLU D 43 18.69 39.57 -8.64
N SER D 44 18.01 38.42 -8.54
CA SER D 44 16.59 38.30 -8.77
C SER D 44 15.94 37.59 -7.58
N ASP D 45 15.38 38.39 -6.67
CA ASP D 45 14.64 37.88 -5.53
C ASP D 45 13.17 37.80 -5.93
N LEU D 46 12.74 36.60 -6.35
CA LEU D 46 11.50 36.45 -7.10
C LEU D 46 10.29 36.84 -6.26
N TYR D 47 10.33 36.50 -4.96
CA TYR D 47 9.22 36.86 -4.07
C TYR D 47 9.22 38.37 -3.81
N ALA D 48 10.41 38.95 -3.60
CA ALA D 48 10.53 40.37 -3.31
C ALA D 48 10.09 41.22 -4.50
N MET D 49 10.33 40.68 -5.71
CA MET D 49 9.95 41.31 -6.97
C MET D 49 8.47 41.11 -7.27
N ASN D 50 7.79 40.26 -6.48
CA ASN D 50 6.42 39.87 -6.76
C ASN D 50 6.29 39.35 -8.19
N PHE D 51 7.26 38.54 -8.63
CA PHE D 51 7.35 38.11 -10.02
C PHE D 51 6.14 37.26 -10.35
N ASN D 52 5.68 37.41 -11.60
CA ASN D 52 4.51 36.69 -12.10
C ASN D 52 4.97 35.43 -12.82
N PRO D 53 4.65 34.23 -12.31
CA PRO D 53 5.17 32.98 -12.87
C PRO D 53 4.33 32.27 -13.92
N ILE D 54 3.25 32.90 -14.37
CA ILE D 54 2.31 32.26 -15.26
C ILE D 54 2.44 32.79 -16.69
N ILE D 55 2.75 31.89 -17.62
CA ILE D 55 2.72 32.22 -19.04
C ILE D 55 1.29 32.53 -19.49
N SER D 56 1.17 33.55 -20.34
CA SER D 56 -0.11 34.02 -20.85
C SER D 56 0.11 34.88 -22.10
N ARG D 57 -0.99 35.27 -22.74
CA ARG D 57 -0.98 36.17 -23.87
C ARG D 57 -0.40 37.53 -23.47
N LYS D 58 -0.51 37.88 -22.18
CA LYS D 58 -0.08 39.19 -21.69
C LYS D 58 1.45 39.33 -21.79
N ASP D 59 2.17 38.23 -22.05
CA ASP D 59 3.61 38.26 -22.15
C ASP D 59 4.05 38.88 -23.47
N ILE D 60 3.13 38.93 -24.44
CA ILE D 60 3.34 39.57 -25.73
C ILE D 60 2.56 40.88 -25.76
N THR D 61 3.29 42.01 -25.91
CA THR D 61 2.68 43.34 -25.84
C THR D 61 2.26 43.82 -27.22
N GLY D 62 2.79 43.19 -28.29
CA GLY D 62 2.47 43.58 -29.65
C GLY D 62 1.25 42.84 -30.21
N LYS D 63 1.30 42.56 -31.51
CA LYS D 63 0.18 41.97 -32.23
C LYS D 63 0.42 40.48 -32.38
N LEU D 64 -0.51 39.67 -31.88
CA LEU D 64 -0.39 38.22 -31.97
C LEU D 64 -0.44 37.85 -33.45
N LYS D 65 0.26 36.77 -33.83
CA LYS D 65 0.22 36.29 -35.21
C LYS D 65 -1.11 35.60 -35.49
N ASP D 66 -1.58 34.73 -34.58
CA ASP D 66 -2.82 34.01 -34.76
C ASP D 66 -3.58 33.94 -33.44
N PRO D 67 -4.35 34.99 -33.09
CA PRO D 67 -5.05 35.04 -31.80
C PRO D 67 -6.19 34.05 -31.67
N ALA D 68 -6.59 33.43 -32.78
CA ALA D 68 -7.64 32.42 -32.79
C ALA D 68 -7.10 31.11 -32.24
N ASN D 69 -5.88 30.74 -32.67
CA ASN D 69 -5.22 29.53 -32.23
C ASN D 69 -3.87 29.90 -31.62
N PHE D 70 -3.89 30.29 -30.33
CA PHE D 70 -2.72 30.84 -29.65
C PHE D 70 -1.77 29.74 -29.21
N GLN D 71 -0.50 29.88 -29.60
CA GLN D 71 0.53 28.91 -29.24
C GLN D 71 1.75 29.64 -28.67
N TYR D 72 1.97 29.45 -27.35
CA TYR D 72 2.92 30.24 -26.59
C TYR D 72 4.32 30.12 -27.21
N PRO D 73 4.81 28.91 -27.55
CA PRO D 73 6.18 28.77 -28.07
C PRO D 73 6.47 29.57 -29.33
N ALA D 74 5.54 29.56 -30.29
CA ALA D 74 5.73 30.25 -31.56
C ALA D 74 5.60 31.76 -31.38
N GLU D 75 4.58 32.17 -30.60
CA GLU D 75 4.24 33.58 -30.44
C GLU D 75 5.29 34.29 -29.61
N SER D 76 5.89 33.58 -28.64
CA SER D 76 6.90 34.15 -27.77
C SER D 76 8.21 34.39 -28.53
N VAL D 77 8.51 33.52 -29.51
CA VAL D 77 9.75 33.61 -30.26
C VAL D 77 9.68 34.81 -31.21
N LEU D 78 8.52 35.00 -31.88
CA LEU D 78 8.32 36.11 -32.79
C LEU D 78 8.48 37.41 -32.01
N ALA D 79 7.86 37.45 -30.83
CA ALA D 79 7.88 38.62 -29.97
C ALA D 79 9.29 38.94 -29.48
N TYR D 80 10.11 37.90 -29.28
CA TYR D 80 11.49 38.13 -28.88
C TYR D 80 12.23 38.80 -30.03
N LYS D 81 12.04 38.28 -31.26
CA LYS D 81 12.76 38.76 -32.43
C LYS D 81 12.38 40.20 -32.80
N GLU D 82 11.10 40.57 -32.59
CA GLU D 82 10.59 41.88 -32.98
C GLU D 82 10.54 42.83 -31.78
N GLY D 83 10.80 42.30 -30.56
CA GLY D 83 11.00 43.13 -29.38
C GLY D 83 9.71 43.70 -28.80
N HIS D 84 8.63 42.90 -28.77
CA HIS D 84 7.43 43.28 -28.04
C HIS D 84 7.13 42.25 -26.95
N LEU D 85 8.17 41.83 -26.22
CA LEU D 85 8.00 40.99 -25.03
C LEU D 85 7.64 41.89 -23.85
N SER D 86 6.90 41.34 -22.89
CA SER D 86 6.59 42.04 -21.66
C SER D 86 7.90 42.55 -21.04
N PRO D 87 7.95 43.81 -20.53
CA PRO D 87 9.17 44.36 -19.94
C PRO D 87 9.78 43.67 -18.71
N ASP D 88 8.95 42.98 -17.92
CA ASP D 88 9.46 42.23 -16.79
C ASP D 88 10.32 41.06 -17.28
N ILE D 89 9.95 40.45 -18.42
CA ILE D 89 10.72 39.36 -19.03
C ILE D 89 12.05 39.87 -19.56
N VAL D 90 12.03 41.07 -20.16
CA VAL D 90 13.19 41.58 -20.87
C VAL D 90 14.26 41.95 -19.85
N ALA D 91 13.84 42.54 -18.73
CA ALA D 91 14.77 42.94 -17.68
C ALA D 91 15.57 41.74 -17.17
N GLU D 92 14.91 40.58 -17.02
CA GLU D 92 15.56 39.36 -16.54
C GLU D 92 16.51 38.83 -17.61
N GLN D 93 16.10 38.92 -18.88
CA GLN D 93 16.90 38.44 -19.99
C GLN D 93 18.22 39.21 -20.09
N LYS D 94 18.17 40.51 -19.78
CA LYS D 94 19.35 41.35 -19.84
C LYS D 94 20.35 40.96 -18.73
N LYS D 95 19.82 40.58 -17.55
CA LYS D 95 20.68 40.16 -16.46
C LYS D 95 21.41 38.86 -16.83
N LEU D 96 20.68 37.94 -17.48
CA LEU D 96 21.23 36.66 -17.88
C LEU D 96 22.32 36.85 -18.93
N GLU D 97 22.02 37.67 -19.96
CA GLU D 97 22.97 37.94 -21.02
C GLU D 97 24.31 38.39 -20.45
N ALA D 98 24.24 39.28 -19.46
CA ALA D 98 25.43 39.90 -18.88
C ALA D 98 26.22 38.92 -18.00
N ALA D 99 25.52 37.95 -17.38
CA ALA D 99 26.09 37.13 -16.34
C ALA D 99 26.98 36.03 -16.91
N ASP D 100 28.08 35.74 -16.22
CA ASP D 100 28.98 34.64 -16.54
C ASP D 100 28.68 33.44 -15.63
N LEU D 101 28.31 33.72 -14.38
CA LEU D 101 27.94 32.70 -13.41
C LEU D 101 26.53 32.97 -12.92
N VAL D 102 25.68 31.92 -12.91
CA VAL D 102 24.33 32.00 -12.38
C VAL D 102 24.19 31.00 -11.24
N ILE D 103 23.77 31.49 -10.07
CA ILE D 103 23.50 30.63 -8.93
C ILE D 103 22.00 30.64 -8.63
N PHE D 104 21.44 29.44 -8.47
CA PHE D 104 20.03 29.28 -8.12
C PHE D 104 19.96 28.82 -6.68
N GLN D 105 19.30 29.63 -5.84
CA GLN D 105 19.16 29.34 -4.42
C GLN D 105 17.70 29.11 -4.08
N PHE D 106 17.37 27.91 -3.61
CA PHE D 106 15.97 27.59 -3.32
C PHE D 106 15.87 26.35 -2.43
N PRO D 107 14.75 26.23 -1.70
CA PRO D 107 14.41 24.96 -1.05
C PRO D 107 13.79 23.96 -2.04
N LEU D 108 14.23 22.71 -1.94
CA LEU D 108 13.53 21.62 -2.62
C LEU D 108 12.08 21.62 -2.14
N GLN D 109 11.14 21.71 -3.09
CA GLN D 109 9.72 21.57 -2.82
C GLN D 109 9.12 20.52 -3.75
N TRP D 110 8.47 19.49 -3.16
CA TRP D 110 7.89 18.37 -3.91
C TRP D 110 8.87 17.86 -4.98
N PHE D 111 10.10 17.58 -4.54
CA PHE D 111 11.12 16.94 -5.36
C PHE D 111 11.46 17.79 -6.56
N GLY D 112 11.35 19.12 -6.42
CA GLY D 112 11.59 20.00 -7.54
C GLY D 112 11.84 21.43 -7.11
N VAL D 113 11.91 22.32 -8.09
CA VAL D 113 12.01 23.73 -7.84
C VAL D 113 10.64 24.27 -7.42
N PRO D 114 10.60 25.38 -6.64
CA PRO D 114 9.35 26.07 -6.33
C PRO D 114 8.63 26.53 -7.58
N ALA D 115 7.30 26.65 -7.46
CA ALA D 115 6.46 27.05 -8.57
C ALA D 115 6.96 28.36 -9.17
N ILE D 116 7.36 29.31 -8.31
CA ILE D 116 7.70 30.64 -8.77
C ILE D 116 8.98 30.61 -9.60
N LEU D 117 9.91 29.69 -9.31
CA LEU D 117 11.14 29.58 -10.08
C LEU D 117 10.85 28.83 -11.39
N LYS D 118 9.98 27.83 -11.33
CA LYS D 118 9.57 27.10 -12.51
C LYS D 118 9.00 28.07 -13.54
N GLY D 119 8.18 29.01 -13.06
CA GLY D 119 7.54 30.00 -13.91
C GLY D 119 8.55 30.99 -14.49
N TRP D 120 9.59 31.27 -13.73
CA TRP D 120 10.67 32.13 -14.19
C TRP D 120 11.32 31.50 -15.40
N PHE D 121 11.62 30.19 -15.31
CA PHE D 121 12.15 29.46 -16.44
C PHE D 121 11.20 29.56 -17.64
N GLU D 122 9.89 29.40 -17.37
CA GLU D 122 8.91 29.28 -18.42
C GLU D 122 8.77 30.58 -19.20
N ARG D 123 8.90 31.73 -18.53
CA ARG D 123 8.68 33.04 -19.14
C ARG D 123 9.98 33.68 -19.65
N VAL D 124 11.14 33.29 -19.10
CA VAL D 124 12.39 33.94 -19.43
C VAL D 124 13.21 33.14 -20.45
N PHE D 125 13.18 31.80 -20.38
CA PHE D 125 13.93 30.96 -21.29
C PHE D 125 13.09 30.72 -22.55
N ILE D 126 13.05 31.74 -23.41
CA ILE D 126 12.26 31.75 -24.64
C ILE D 126 13.10 31.17 -25.77
N GLY D 127 12.43 30.57 -26.77
CA GLY D 127 13.15 30.09 -27.96
C GLY D 127 13.98 31.19 -28.59
N GLU D 128 15.12 30.82 -29.20
CA GLU D 128 16.03 31.74 -29.88
C GLU D 128 16.93 32.47 -28.88
N PHE D 129 16.36 32.91 -27.76
CA PHE D 129 17.13 33.52 -26.69
C PHE D 129 17.99 32.47 -25.96
N ALA D 130 17.34 31.40 -25.46
CA ALA D 130 17.95 30.44 -24.56
C ALA D 130 18.22 29.10 -25.22
N TYR D 131 17.54 28.80 -26.33
CA TYR D 131 17.72 27.54 -27.03
C TYR D 131 17.20 27.68 -28.46
N THR D 132 17.75 26.89 -29.38
CA THR D 132 17.17 26.65 -30.69
C THR D 132 17.27 25.15 -30.93
N TYR D 133 16.70 24.70 -32.05
CA TYR D 133 16.63 23.29 -32.40
C TYR D 133 17.96 22.84 -32.98
N ALA D 134 18.65 23.79 -33.63
CA ALA D 134 19.99 23.56 -34.14
C ALA D 134 20.98 23.44 -32.99
N ALA D 135 20.90 24.36 -32.02
CA ALA D 135 21.86 24.46 -30.93
C ALA D 135 21.24 24.02 -29.61
N MET D 136 21.35 22.72 -29.35
CA MET D 136 20.91 22.12 -28.11
C MET D 136 22.13 21.70 -27.29
N TYR D 137 21.91 21.50 -25.98
CA TYR D 137 22.92 20.94 -25.10
C TYR D 137 24.21 21.73 -25.29
N ASP D 138 25.32 21.05 -25.60
CA ASP D 138 26.63 21.68 -25.50
C ASP D 138 26.82 22.75 -26.57
N LYS D 139 25.96 22.79 -27.59
CA LYS D 139 26.06 23.76 -28.67
C LYS D 139 25.14 24.96 -28.40
N GLY D 140 24.52 25.02 -27.22
CA GLY D 140 23.47 25.99 -26.94
C GLY D 140 24.01 27.38 -26.62
N PRO D 141 23.12 28.41 -26.62
CA PRO D 141 23.52 29.81 -26.45
C PRO D 141 24.33 30.15 -25.20
N PHE D 142 24.15 29.40 -24.12
CA PHE D 142 24.74 29.75 -22.83
C PHE D 142 25.98 28.92 -22.55
N ARG D 143 26.68 28.46 -23.60
CA ARG D 143 27.78 27.53 -23.43
C ARG D 143 29.01 28.22 -22.82
N SER D 144 29.01 29.56 -22.82
CA SER D 144 30.07 30.35 -22.24
C SER D 144 29.88 30.58 -20.74
N LYS D 145 28.72 30.18 -20.19
CA LYS D 145 28.34 30.50 -18.83
C LYS D 145 28.33 29.24 -17.96
N LYS D 146 28.37 29.44 -16.64
CA LYS D 146 28.32 28.35 -15.69
C LYS D 146 27.15 28.57 -14.76
N ALA D 147 26.52 27.47 -14.33
CA ALA D 147 25.42 27.53 -13.39
C ALA D 147 25.64 26.52 -12.27
N VAL D 148 25.05 26.82 -11.11
CA VAL D 148 25.07 25.92 -9.97
C VAL D 148 23.76 26.02 -9.20
N LEU D 149 23.25 24.86 -8.75
CA LEU D 149 22.11 24.81 -7.85
C LEU D 149 22.63 24.78 -6.41
N SER D 150 22.00 25.58 -5.53
CA SER D 150 22.23 25.50 -4.10
C SER D 150 20.89 25.23 -3.43
N ILE D 151 20.76 24.02 -2.86
CA ILE D 151 19.47 23.49 -2.46
C ILE D 151 19.48 23.21 -0.97
N THR D 152 18.37 23.48 -0.30
CA THR D 152 18.15 22.97 1.05
C THR D 152 16.99 21.98 1.02
N THR D 153 17.06 20.97 1.88
CA THR D 153 15.96 20.03 2.06
C THR D 153 15.65 19.95 3.55
N GLY D 154 14.43 19.49 3.84
CA GLY D 154 14.05 19.12 5.19
C GLY D 154 14.52 17.71 5.52
N GLY D 155 14.42 16.82 4.53
CA GLY D 155 14.80 15.43 4.68
C GLY D 155 16.31 15.25 4.79
N SER D 156 16.72 14.11 5.38
CA SER D 156 18.12 13.80 5.59
C SER D 156 18.72 13.17 4.33
N GLY D 157 20.04 13.23 4.23
CA GLY D 157 20.74 12.72 3.07
C GLY D 157 20.58 11.21 2.93
N SER D 158 20.35 10.50 4.04
CA SER D 158 20.17 9.05 3.99
C SER D 158 18.90 8.71 3.23
N MET D 159 17.88 9.57 3.33
CA MET D 159 16.60 9.37 2.66
C MET D 159 16.77 9.45 1.13
N TYR D 160 17.79 10.19 0.66
CA TYR D 160 18.02 10.34 -0.77
C TYR D 160 19.24 9.55 -1.23
N SER D 161 19.71 8.59 -0.43
CA SER D 161 20.79 7.70 -0.81
C SER D 161 20.23 6.59 -1.69
N LEU D 162 21.10 5.73 -2.23
CA LEU D 162 20.65 4.65 -3.10
C LEU D 162 19.64 3.78 -2.37
N GLN D 163 19.76 3.66 -1.03
CA GLN D 163 18.92 2.75 -0.26
C GLN D 163 17.87 3.49 0.56
N GLY D 164 17.74 4.80 0.35
CA GLY D 164 16.79 5.61 1.12
C GLY D 164 15.36 5.48 0.60
N ILE D 165 14.39 5.77 1.47
CA ILE D 165 12.97 5.68 1.14
C ILE D 165 12.65 6.46 -0.14
N HIS D 166 13.24 7.65 -0.30
CA HIS D 166 12.92 8.53 -1.42
C HIS D 166 13.65 8.17 -2.70
N GLY D 167 14.80 7.50 -2.58
CA GLY D 167 15.56 7.09 -3.74
C GLY D 167 16.61 8.13 -4.16
N ASP D 168 17.40 7.76 -5.17
CA ASP D 168 18.62 8.46 -5.56
C ASP D 168 18.33 9.93 -5.89
N MET D 169 19.12 10.83 -5.28
CA MET D 169 19.02 12.26 -5.51
C MET D 169 19.49 12.61 -6.92
N ASN D 170 20.40 11.81 -7.47
CA ASN D 170 20.88 12.03 -8.83
C ASN D 170 19.73 11.98 -9.83
N VAL D 171 18.72 11.15 -9.59
CA VAL D 171 17.56 11.05 -10.46
C VAL D 171 16.68 12.28 -10.34
N ILE D 172 16.57 12.84 -9.13
CA ILE D 172 15.75 14.01 -8.88
C ILE D 172 16.33 15.25 -9.55
N LEU D 173 17.66 15.37 -9.61
CA LEU D 173 18.30 16.58 -10.12
C LEU D 173 18.36 16.56 -11.64
N TRP D 174 18.26 15.38 -12.25
CA TRP D 174 18.50 15.21 -13.68
C TRP D 174 17.62 16.13 -14.54
N PRO D 175 16.29 16.14 -14.36
CA PRO D 175 15.40 16.96 -15.20
C PRO D 175 15.77 18.43 -15.14
N ILE D 176 16.26 18.89 -14.00
CA ILE D 176 16.63 20.28 -13.83
C ILE D 176 17.98 20.54 -14.50
N GLN D 177 19.01 19.77 -14.11
CA GLN D 177 20.37 20.08 -14.54
C GLN D 177 20.55 19.79 -16.02
N SER D 178 19.99 18.67 -16.51
CA SER D 178 20.09 18.32 -17.92
C SER D 178 19.01 19.03 -18.73
N GLY D 179 17.76 18.85 -18.30
CA GLY D 179 16.60 19.26 -19.07
C GLY D 179 16.44 20.78 -19.21
N ILE D 180 16.84 21.55 -18.20
CA ILE D 180 16.66 23.01 -18.24
C ILE D 180 18.00 23.70 -18.48
N LEU D 181 19.00 23.38 -17.65
CA LEU D 181 20.22 24.17 -17.64
C LEU D 181 21.14 23.75 -18.78
N HIS D 182 21.48 22.46 -18.86
CA HIS D 182 22.42 22.02 -19.89
C HIS D 182 21.79 22.15 -21.27
N PHE D 183 20.47 21.96 -21.37
CA PHE D 183 19.75 22.06 -22.63
C PHE D 183 20.03 23.41 -23.29
N CYS D 184 20.18 24.48 -22.49
CA CYS D 184 20.40 25.82 -23.00
C CYS D 184 21.90 26.12 -23.18
N GLY D 185 22.77 25.18 -22.79
CA GLY D 185 24.20 25.33 -23.03
C GLY D 185 25.04 25.42 -21.74
N PHE D 186 24.42 25.80 -20.62
CA PHE D 186 25.15 26.01 -19.39
C PHE D 186 26.05 24.81 -19.08
N GLN D 187 27.29 25.08 -18.71
CA GLN D 187 28.10 24.13 -17.95
C GLN D 187 27.58 24.12 -16.53
N VAL D 188 27.30 22.93 -16.00
CA VAL D 188 26.65 22.81 -14.71
C VAL D 188 27.68 22.29 -13.71
N LEU D 189 27.87 23.05 -12.63
CA LEU D 189 28.82 22.68 -11.59
C LEU D 189 28.11 21.84 -10.54
N GLU D 190 28.93 21.25 -9.65
CA GLU D 190 28.42 20.39 -8.60
C GLU D 190 27.39 21.17 -7.79
N PRO D 191 26.20 20.56 -7.52
CA PRO D 191 25.21 21.23 -6.70
C PRO D 191 25.72 21.35 -5.27
N GLN D 192 25.30 22.43 -4.60
CA GLN D 192 25.51 22.60 -3.19
C GLN D 192 24.26 22.08 -2.46
N LEU D 193 24.40 20.93 -1.78
CA LEU D 193 23.28 20.28 -1.14
C LEU D 193 23.40 20.41 0.38
N THR D 194 22.42 21.08 0.98
CA THR D 194 22.35 21.23 2.42
C THR D 194 21.16 20.43 2.94
N TYR D 195 21.40 19.20 3.42
CA TYR D 195 20.32 18.34 3.86
C TYR D 195 19.92 18.69 5.31
N SER D 196 18.65 18.39 5.63
CA SER D 196 18.09 18.49 6.98
C SER D 196 18.57 19.74 7.75
N ILE D 197 18.38 20.90 7.12
CA ILE D 197 18.87 22.17 7.66
C ILE D 197 18.08 22.54 8.91
N GLY D 198 16.85 22.01 9.03
CA GLY D 198 16.00 22.30 10.18
C GLY D 198 16.57 21.73 11.48
N HIS D 199 17.31 20.62 11.39
CA HIS D 199 17.82 19.92 12.55
C HIS D 199 19.35 20.01 12.59
N THR D 200 19.87 21.09 12.05
CA THR D 200 21.30 21.37 12.12
C THR D 200 21.49 22.48 13.14
N PRO D 201 22.35 22.30 14.17
CA PRO D 201 22.62 23.36 15.15
C PRO D 201 23.43 24.55 14.63
N ALA D 202 23.40 25.65 15.41
CA ALA D 202 23.88 26.96 14.98
C ALA D 202 25.35 26.95 14.62
N ASP D 203 26.14 26.18 15.36
CA ASP D 203 27.58 26.14 15.14
C ASP D 203 27.86 25.50 13.78
N ALA D 204 27.05 24.50 13.44
CA ALA D 204 27.21 23.78 12.19
C ALA D 204 26.76 24.63 11.02
N ARG D 205 25.64 25.36 11.18
CA ARG D 205 25.12 26.25 10.16
C ARG D 205 26.17 27.30 9.75
N ILE D 206 26.91 27.81 10.74
CA ILE D 206 27.91 28.84 10.49
C ILE D 206 29.07 28.25 9.69
N GLN D 207 29.41 26.99 10.00
CA GLN D 207 30.45 26.26 9.28
C GLN D 207 30.04 26.09 7.82
N ILE D 208 28.75 25.79 7.61
CA ILE D 208 28.21 25.57 6.28
C ILE D 208 28.31 26.86 5.47
N LEU D 209 27.89 27.98 6.08
CA LEU D 209 28.00 29.27 5.43
C LEU D 209 29.45 29.55 5.06
N GLU D 210 30.38 29.23 6.00
CA GLU D 210 31.79 29.51 5.81
C GLU D 210 32.34 28.65 4.66
N GLY D 211 31.85 27.42 4.57
CA GLY D 211 32.30 26.47 3.55
C GLY D 211 31.81 26.85 2.15
N TRP D 212 30.56 27.32 2.09
CA TRP D 212 29.97 27.88 0.88
C TRP D 212 30.85 29.01 0.37
N LYS D 213 31.17 29.94 1.28
CA LYS D 213 31.96 31.12 0.94
C LYS D 213 33.33 30.69 0.40
N LYS D 214 33.94 29.70 1.06
CA LYS D 214 35.29 29.27 0.70
C LYS D 214 35.25 28.70 -0.71
N ARG D 215 34.22 27.88 -1.01
CA ARG D 215 34.07 27.27 -2.32
C ARG D 215 34.01 28.35 -3.40
N LEU D 216 33.26 29.43 -3.14
CA LEU D 216 32.95 30.41 -4.16
C LEU D 216 34.19 31.19 -4.59
N GLU D 217 35.26 31.18 -3.79
CA GLU D 217 36.48 31.89 -4.14
C GLU D 217 37.11 31.34 -5.41
N ASN D 218 36.96 30.03 -5.67
CA ASN D 218 37.58 29.40 -6.82
C ASN D 218 36.56 28.71 -7.72
N ILE D 219 35.27 29.09 -7.59
CA ILE D 219 34.18 28.41 -8.25
C ILE D 219 34.44 28.31 -9.75
N TRP D 220 35.07 29.33 -10.34
CA TRP D 220 35.21 29.40 -11.77
C TRP D 220 36.19 28.37 -12.32
N ASP D 221 37.08 27.84 -11.47
CA ASP D 221 38.14 26.93 -11.92
C ASP D 221 37.71 25.47 -11.72
N GLU D 222 36.46 25.22 -11.32
CA GLU D 222 35.98 23.87 -11.05
C GLU D 222 35.74 23.11 -12.35
N THR D 223 35.74 21.77 -12.26
CA THR D 223 35.33 20.93 -13.37
C THR D 223 33.81 20.76 -13.33
N PRO D 224 33.09 20.95 -14.46
CA PRO D 224 31.64 20.70 -14.51
C PRO D 224 31.21 19.23 -14.55
N LEU D 225 29.92 18.99 -14.32
CA LEU D 225 29.34 17.65 -14.34
C LEU D 225 29.38 17.09 -15.77
N TYR D 226 29.34 15.76 -15.89
CA TYR D 226 29.40 15.11 -17.19
C TYR D 226 27.98 14.88 -17.74
N PHE D 227 27.77 15.43 -18.95
CA PHE D 227 26.67 15.05 -19.82
C PHE D 227 27.23 14.53 -21.15
N ALA D 228 26.52 13.56 -21.74
CA ALA D 228 26.88 13.04 -23.05
C ALA D 228 27.01 14.20 -24.03
N PRO D 229 28.15 14.34 -24.76
CA PRO D 229 28.26 15.38 -25.78
C PRO D 229 27.23 15.14 -26.89
N SER D 230 26.76 16.24 -27.50
CA SER D 230 25.75 16.16 -28.54
C SER D 230 26.30 15.42 -29.76
N SER D 231 27.64 15.46 -29.90
CA SER D 231 28.33 14.87 -31.03
C SER D 231 28.20 13.34 -31.06
N LEU D 232 27.73 12.72 -29.98
CA LEU D 232 27.42 11.30 -29.95
C LEU D 232 26.11 11.00 -30.68
N PHE D 233 25.39 12.02 -31.18
CA PHE D 233 24.05 11.83 -31.70
C PHE D 233 23.94 12.37 -33.13
N ASP D 234 22.95 11.83 -33.86
CA ASP D 234 22.58 12.32 -35.19
C ASP D 234 21.48 13.37 -35.03
N LEU D 235 21.86 14.65 -35.14
CA LEU D 235 20.99 15.75 -34.77
C LEU D 235 20.16 16.20 -35.97
N ASN D 236 19.30 15.31 -36.46
CA ASN D 236 18.33 15.67 -37.49
C ASN D 236 17.10 14.78 -37.33
N PHE D 237 15.97 15.26 -37.88
CA PHE D 237 14.65 14.69 -37.65
C PHE D 237 14.50 13.34 -38.33
N GLN D 238 15.27 13.10 -39.40
CA GLN D 238 15.18 11.88 -40.18
C GLN D 238 15.78 10.71 -39.39
N ALA D 239 16.83 10.99 -38.61
CA ALA D 239 17.51 9.98 -37.81
C ALA D 239 16.86 9.80 -36.44
N GLY D 240 16.04 10.79 -36.03
CA GLY D 240 15.23 10.71 -34.82
C GLY D 240 15.98 11.17 -33.57
N PHE D 241 17.07 11.92 -33.76
CA PHE D 241 17.93 12.37 -32.67
C PHE D 241 18.41 11.17 -31.87
N LEU D 242 18.77 10.09 -32.56
CA LEU D 242 19.24 8.88 -31.90
C LEU D 242 20.76 8.91 -31.81
N MET D 243 21.27 8.13 -30.87
CA MET D 243 22.70 7.93 -30.71
C MET D 243 23.23 7.24 -31.96
N LYS D 244 24.35 7.75 -32.49
CA LYS D 244 24.98 7.21 -33.68
C LYS D 244 25.33 5.74 -33.47
N LYS D 245 25.31 4.98 -34.58
CA LYS D 245 25.50 3.54 -34.55
C LYS D 245 26.89 3.19 -34.05
N GLU D 246 27.91 3.90 -34.54
CA GLU D 246 29.29 3.61 -34.16
C GLU D 246 29.45 3.82 -32.66
N VAL D 247 28.75 4.80 -32.08
CA VAL D 247 28.86 5.10 -30.66
C VAL D 247 28.15 4.01 -29.85
N GLN D 248 27.05 3.47 -30.40
CA GLN D 248 26.34 2.40 -29.72
C GLN D 248 27.24 1.17 -29.62
N ASP D 249 28.02 0.93 -30.69
CA ASP D 249 28.89 -0.24 -30.79
C ASP D 249 30.06 -0.13 -29.82
N GLU D 250 30.62 1.08 -29.68
CA GLU D 250 31.73 1.33 -28.78
C GLU D 250 31.32 1.13 -27.34
N GLU D 251 30.04 1.36 -27.00
CA GLU D 251 29.56 1.36 -25.62
C GLU D 251 28.92 0.01 -25.26
N LYS D 252 28.68 -0.84 -26.26
CA LYS D 252 27.95 -2.09 -26.08
C LYS D 252 28.46 -2.85 -24.85
N ASN D 253 29.79 -2.91 -24.69
CA ASN D 253 30.42 -3.81 -23.74
C ASN D 253 30.77 -3.13 -22.43
N LYS D 254 30.64 -1.80 -22.32
CA LYS D 254 30.95 -1.12 -21.07
C LYS D 254 29.87 -1.47 -20.04
N LYS D 255 30.22 -1.30 -18.75
CA LYS D 255 29.39 -1.75 -17.65
C LYS D 255 28.47 -0.62 -17.18
N PHE D 256 28.96 0.61 -17.24
CA PHE D 256 28.20 1.79 -16.84
C PHE D 256 27.65 2.46 -18.09
N GLY D 257 26.46 3.06 -17.95
CA GLY D 257 25.95 4.01 -18.93
C GLY D 257 26.73 5.33 -18.89
N LEU D 258 26.25 6.32 -19.65
CA LEU D 258 26.94 7.60 -19.81
C LEU D 258 26.56 8.60 -18.73
N SER D 259 25.29 8.57 -18.32
CA SER D 259 24.72 9.54 -17.39
C SER D 259 23.43 8.97 -16.82
N VAL D 260 22.72 9.76 -16.01
CA VAL D 260 21.48 9.32 -15.41
C VAL D 260 20.45 9.10 -16.51
N GLY D 261 20.33 10.07 -17.43
CA GLY D 261 19.33 10.00 -18.49
C GLY D 261 19.73 9.00 -19.59
N HIS D 262 21.05 8.89 -19.80
CA HIS D 262 21.62 7.99 -20.78
C HIS D 262 22.25 6.78 -20.08
N HIS D 263 21.45 6.10 -19.26
CA HIS D 263 21.89 4.92 -18.53
C HIS D 263 21.99 3.72 -19.46
N LEU D 264 21.25 3.75 -20.58
CA LEU D 264 21.30 2.75 -21.64
C LEU D 264 20.93 1.37 -21.12
N GLY D 265 20.19 1.30 -20.01
CA GLY D 265 19.73 0.03 -19.46
C GLY D 265 20.81 -0.66 -18.61
N LYS D 266 21.93 0.04 -18.40
CA LYS D 266 23.02 -0.49 -17.62
C LYS D 266 23.04 0.25 -16.30
N SER D 267 24.19 0.23 -15.60
CA SER D 267 24.33 0.85 -14.30
C SER D 267 24.58 2.34 -14.46
N ILE D 268 24.06 3.15 -13.54
CA ILE D 268 24.24 4.59 -13.59
C ILE D 268 25.55 4.93 -12.89
N PRO D 269 26.48 5.65 -13.56
CA PRO D 269 27.74 6.04 -12.94
C PRO D 269 27.45 6.80 -11.65
N THR D 270 28.18 6.44 -10.60
CA THR D 270 27.92 6.94 -9.26
C THR D 270 28.02 8.47 -9.22
N ASP D 271 27.01 9.08 -8.61
CA ASP D 271 26.94 10.52 -8.40
C ASP D 271 27.24 11.28 -9.70
N ASN D 272 26.56 10.89 -10.79
CA ASN D 272 26.75 11.55 -12.09
C ASN D 272 26.27 13.00 -12.03
N GLN D 273 25.26 13.28 -11.20
CA GLN D 273 24.62 14.58 -11.13
C GLN D 273 25.03 15.34 -9.88
N ILE D 274 25.97 14.78 -9.11
CA ILE D 274 26.36 15.39 -7.84
C ILE D 274 27.87 15.71 -7.81
N LYS D 275 28.70 14.84 -8.39
CA LYS D 275 30.15 15.04 -8.39
C LYS D 275 30.69 15.01 -9.81
N ALA D 276 31.68 15.88 -10.09
CA ALA D 276 32.40 15.86 -11.36
C ALA D 276 33.40 14.70 -11.34
N ARG D 277 33.85 14.26 -12.52
CA ARG D 277 34.79 13.14 -12.64
C ARG D 277 36.18 13.52 -12.12
N LYS D 278 36.67 14.72 -12.45
CA LYS D 278 37.95 15.21 -11.97
C LYS D 278 37.74 16.31 -10.93
PA NAD E . -2.59 -27.17 -9.42
O1A NAD E . -1.92 -25.85 -9.59
O2A NAD E . -1.74 -28.32 -9.01
O5B NAD E . -3.36 -27.56 -10.78
C5B NAD E . -2.66 -28.55 -11.55
C4B NAD E . -2.97 -28.43 -13.03
O4B NAD E . -2.33 -27.26 -13.58
C3B NAD E . -2.44 -29.58 -13.89
O3B NAD E . -3.27 -29.68 -15.05
C2B NAD E . -1.04 -29.07 -14.23
O2B NAD E . -0.35 -29.63 -15.32
C1B NAD E . -1.40 -27.64 -14.57
N9A NAD E . -0.23 -26.77 -14.51
C8A NAD E . 0.55 -26.36 -15.58
N7A NAD E . 1.54 -25.58 -15.22
C5A NAD E . 1.43 -25.50 -13.82
C6A NAD E . 2.19 -24.84 -12.85
N6A NAD E . 3.25 -24.08 -13.13
N1A NAD E . 1.81 -24.97 -11.55
C2A NAD E . 0.74 -25.72 -11.28
N3A NAD E . -0.06 -26.39 -12.11
C4A NAD E . 0.36 -26.25 -13.38
O3 NAD E . -3.81 -27.03 -8.38
PN NAD E . -3.90 -26.78 -6.79
O1N NAD E . -4.13 -25.33 -6.51
O2N NAD E . -2.72 -27.43 -6.14
O5D NAD E . -5.23 -27.60 -6.43
C5D NAD E . -5.81 -27.33 -5.13
C4D NAD E . -4.90 -27.91 -4.08
O4D NAD E . -4.34 -26.84 -3.28
C3D NAD E . -5.53 -28.88 -3.07
O3D NAD E . -4.86 -30.15 -3.14
C2D NAD E . -5.30 -28.22 -1.71
O2D NAD E . -5.05 -29.15 -0.66
C1D NAD E . -4.03 -27.43 -2.03
N1N NAD E . -3.61 -26.38 -1.09
C2N NAD E . -3.69 -26.62 0.27
C3N NAD E . -3.25 -25.63 1.15
C7N NAD E . -3.35 -25.83 2.63
O7N NAD E . -2.86 -24.97 3.38
N7N NAD E . -3.99 -26.91 3.07
C4N NAD E . -2.74 -24.43 0.68
C5N NAD E . -2.65 -24.23 -0.68
C6N NAD E . -3.08 -25.21 -1.55
PA FAD F . -9.53 -19.76 -10.13
O1A FAD F . -9.13 -18.36 -10.49
O2A FAD F . -8.46 -20.78 -10.20
O5B FAD F . -10.82 -20.16 -10.99
C5B FAD F . -11.12 -21.59 -11.15
C4B FAD F . -11.45 -21.91 -12.59
O4B FAD F . -12.72 -21.32 -12.93
C3B FAD F . -10.46 -21.39 -13.64
O3B FAD F . -10.29 -22.31 -14.71
C2B FAD F . -11.13 -20.09 -14.10
O2B FAD F . -10.72 -19.59 -15.35
C1B FAD F . -12.56 -20.59 -14.15
N9A FAD F . -13.57 -19.54 -14.21
C8A FAD F . -13.49 -18.24 -13.80
N7A FAD F . -14.57 -17.54 -14.02
C5A FAD F . -15.42 -18.43 -14.64
C6A FAD F . -16.72 -18.30 -15.14
N6A FAD F . -17.42 -17.16 -15.11
N1A FAD F . -17.30 -19.39 -15.72
C2A FAD F . -16.59 -20.52 -15.76
N3A FAD F . -15.36 -20.76 -15.32
C4A FAD F . -14.82 -19.67 -14.77
N1 FAD F . -7.50 -24.56 -0.53
C2 FAD F . -8.06 -25.39 0.40
O2 FAD F . -8.83 -26.30 0.08
N3 FAD F . -7.73 -25.23 1.75
C4 FAD F . -6.83 -24.29 2.27
O4 FAD F . -6.64 -24.19 3.47
C4X FAD F . -6.28 -23.43 1.27
N5 FAD F . -5.42 -22.51 1.68
C5X FAD F . -4.93 -21.66 0.74
C6 FAD F . -4.05 -20.63 1.18
C7 FAD F . -3.56 -19.69 0.30
C7M FAD F . -2.64 -18.60 0.80
C8 FAD F . -3.90 -19.78 -1.09
C8M FAD F . -3.38 -18.77 -2.08
C9 FAD F . -4.70 -20.80 -1.53
C9A FAD F . -5.25 -21.74 -0.63
N10 FAD F . -6.11 -22.77 -1.04
C10 FAD F . -6.66 -23.63 -0.10
C1' FAD F . -6.53 -22.88 -2.45
C2' FAD F . -7.61 -21.85 -2.75
O2' FAD F . -8.69 -21.96 -1.80
C3' FAD F . -8.12 -21.86 -4.21
O3' FAD F . -7.11 -21.37 -5.09
C4' FAD F . -9.40 -21.03 -4.44
O4' FAD F . -10.56 -21.57 -3.77
C5' FAD F . -9.64 -20.90 -5.93
O5' FAD F . -10.73 -19.98 -6.22
P FAD F . -10.54 -18.91 -7.40
O1P FAD F . -11.83 -18.19 -7.48
O2P FAD F . -9.29 -18.15 -7.12
O3P FAD F . -10.29 -19.81 -8.70
PA NAD G . -13.97 -10.70 35.51
O1A NAD G . -14.37 -9.27 35.44
O2A NAD G . -15.02 -11.72 35.22
O5B NAD G . -13.31 -11.01 36.95
C5B NAD G . -14.18 -11.59 37.95
C4B NAD G . -14.12 -10.77 39.22
O4B NAD G . -14.55 -11.58 40.34
C3B NAD G . -12.72 -10.31 39.63
O3B NAD G . -12.80 -9.12 40.41
C2B NAD G . -12.18 -11.51 40.41
O2B NAD G . -11.32 -11.16 41.49
C1B NAD G . -13.43 -12.20 40.94
N9A NAD G . -13.47 -13.62 40.58
C8A NAD G . -12.90 -14.18 39.47
N7A NAD G . -13.11 -15.46 39.38
C5A NAD G . -13.86 -15.77 40.50
C6A NAD G . -14.39 -16.98 40.97
N6A NAD G . -14.25 -18.14 40.35
N1A NAD G . -15.09 -16.96 42.13
C2A NAD G . -15.24 -15.77 42.75
N3A NAD G . -14.78 -14.58 42.41
C4A NAD G . -14.10 -14.64 41.26
O3 NAD G . -12.72 -10.95 34.54
PN NAD G . -12.60 -11.10 32.94
O1N NAD G . -12.89 -12.52 32.56
O2N NAD G . -11.28 -10.54 32.51
O5D NAD G . -13.79 -10.15 32.42
C5D NAD G . -14.20 -10.16 31.02
C4D NAD G . -13.62 -8.95 30.31
O4D NAD G . -12.93 -9.37 29.11
C3D NAD G . -14.65 -7.90 29.87
O3D NAD G . -14.49 -6.71 30.64
C2D NAD G . -14.36 -7.64 28.38
O2D NAD G . -13.48 -6.54 28.21
C1D NAD G . -13.63 -8.92 27.96
N1N NAD G . -14.49 -10.04 27.49
C2N NAD G . -14.10 -10.80 26.41
C3N NAD G . -14.86 -11.90 26.05
C7N NAD G . -14.53 -12.73 24.85
O7N NAD G . -14.67 -13.96 24.92
N7N NAD G . -14.30 -12.11 23.70
C4N NAD G . -16.09 -12.13 26.65
C5N NAD G . -16.47 -11.35 27.72
C6N NAD G . -15.66 -10.31 28.14
PA FAD H . -3.70 -5.51 27.91
O1A FAD H . -4.46 -4.97 26.77
O2A FAD H . -4.46 -6.09 29.05
O5B FAD H . -2.69 -4.38 28.46
C5B FAD H . -1.41 -4.81 28.99
C4B FAD H . -1.31 -4.46 30.46
O4B FAD H . -0.25 -5.25 31.07
C3B FAD H . -0.99 -3.00 30.78
O3B FAD H . -1.69 -2.55 31.94
C2B FAD H . 0.52 -3.04 31.04
O2B FAD H . 1.02 -1.97 31.82
C1B FAD H . 0.63 -4.37 31.76
N9A FAD H . 1.99 -4.91 31.72
C8A FAD H . 2.82 -4.95 30.64
N7A FAD H . 4.00 -5.47 30.89
C5A FAD H . 3.94 -5.77 32.24
C6A FAD H . 4.88 -6.35 33.11
N6A FAD H . 6.11 -6.71 32.74
N1A FAD H . 4.52 -6.52 34.40
C2A FAD H . 3.29 -6.14 34.77
N3A FAD H . 2.32 -5.59 34.05
C4A FAD H . 2.71 -5.44 32.76
N1 FAD H . -10.83 -11.65 23.39
C2 FAD H . -11.34 -12.92 23.43
O2 FAD H . -11.29 -13.62 24.46
N3 FAD H . -11.99 -13.42 22.30
C4 FAD H . -12.16 -12.78 21.09
O4 FAD H . -12.71 -13.32 20.15
C4X FAD H . -11.57 -11.47 21.05
N5 FAD H . -11.66 -10.80 19.93
C5X FAD H . -11.06 -9.58 19.86
C6 FAD H . -11.10 -8.89 18.63
C7 FAD H . -10.47 -7.67 18.45
C7M FAD H . -10.54 -6.99 17.11
C8 FAD H . -9.79 -7.08 19.55
C8M FAD H . -9.11 -5.75 19.40
C9 FAD H . -9.78 -7.73 20.78
C9A FAD H . -10.38 -9.00 20.96
N10 FAD H . -10.34 -9.71 22.16
C10 FAD H . -10.91 -10.98 22.25
C1' FAD H . -9.62 -9.15 23.35
C2' FAD H . -8.10 -9.37 23.39
O2' FAD H . -7.74 -10.75 23.22
C3' FAD H . -7.47 -8.82 24.69
O3' FAD H . -7.79 -7.44 24.88
C4' FAD H . -5.94 -9.03 24.77
O4' FAD H . -5.71 -10.40 25.13
C5' FAD H . -5.21 -8.11 25.73
O5' FAD H . -3.79 -8.44 25.93
P FAD H . -2.64 -7.32 25.91
O1P FAD H . -1.27 -7.89 25.90
O2P FAD H . -3.06 -6.36 24.87
O3P FAD H . -2.72 -6.62 27.34
PA FAD I . -1.75 22.36 -29.63
O1A FAD I . -2.51 23.41 -28.89
O2A FAD I . -0.71 22.77 -30.60
O5B FAD I . -2.74 21.29 -30.30
C5B FAD I . -2.13 20.23 -31.12
C4B FAD I . -2.83 20.14 -32.48
O4B FAD I . -4.12 19.50 -32.35
C3B FAD I . -3.10 21.48 -33.17
O3B FAD I . -2.75 21.36 -34.53
C2B FAD I . -4.58 21.74 -32.84
O2B FAD I . -5.30 22.56 -33.73
C1B FAD I . -5.14 20.31 -32.93
N9A FAD I . -6.41 20.13 -32.22
C8A FAD I . -6.91 20.90 -31.19
N7A FAD I . -8.07 20.49 -30.75
C5A FAD I . -8.36 19.38 -31.52
C6A FAD I . -9.46 18.49 -31.55
N6A FAD I . -10.52 18.60 -30.74
N1A FAD I . -9.45 17.48 -32.46
C2A FAD I . -8.40 17.38 -33.27
N3A FAD I . -7.30 18.15 -33.34
C4A FAD I . -7.34 19.14 -32.43
N1 FAD I . 8.03 19.86 -25.18
C2 FAD I . 8.93 18.87 -24.88
O2 FAD I . 8.93 17.79 -25.48
N3 FAD I . 9.88 19.11 -23.88
C4 FAD I . 10.03 20.27 -23.15
O4 FAD I . 10.87 20.38 -22.27
C4X FAD I . 9.09 21.27 -23.47
N5 FAD I . 9.17 22.41 -22.80
C5X FAD I . 8.23 23.37 -23.09
C6 FAD I . 8.28 24.56 -22.35
C7 FAD I . 7.35 25.56 -22.53
C7M FAD I . 7.43 26.81 -21.71
C8 FAD I . 6.33 25.39 -23.50
C8M FAD I . 5.31 26.47 -23.73
C9 FAD I . 6.30 24.24 -24.26
C9A FAD I . 7.22 23.20 -24.06
N10 FAD I . 7.19 22.01 -24.77
C10 FAD I . 8.10 21.00 -24.50
C1' FAD I . 6.16 21.77 -25.80
C2' FAD I . 4.76 21.45 -25.28
O2' FAD I . 4.64 20.19 -24.59
C3' FAD I . 3.82 21.45 -26.49
O3' FAD I . 3.73 22.76 -27.03
C4' FAD I . 2.44 20.92 -26.10
O4' FAD I . 2.57 19.53 -25.73
C5' FAD I . 1.42 21.11 -27.20
O5' FAD I . 0.13 20.75 -26.64
P FAD I . -1.09 21.74 -26.86
O1P FAD I . -2.31 21.19 -26.23
O2P FAD I . -0.65 23.15 -26.61
O3P FAD I . -1.12 21.50 -28.43
C ACT J . -9.22 2.58 -30.82
O ACT J . -8.82 1.45 -30.47
OXT ACT J . -10.38 3.00 -30.61
CH3 ACT J . -8.21 3.51 -31.53
PA FAD K . 14.46 27.91 7.80
O1A FAD K . 13.90 29.26 7.55
O2A FAD K . 13.60 26.93 8.52
O5B FAD K . 15.82 28.15 8.62
C5B FAD K . 16.57 26.98 9.09
C4B FAD K . 17.28 27.32 10.39
O4B FAD K . 18.44 28.14 10.13
C3B FAD K . 16.40 28.10 11.38
O3B FAD K . 16.55 27.68 12.74
C2B FAD K . 16.90 29.54 11.19
O2B FAD K . 16.49 30.30 12.31
C1B FAD K . 18.40 29.29 10.98
N9A FAD K . 19.17 30.40 10.42
C8A FAD K . 18.68 31.46 9.71
N7A FAD K . 19.58 32.35 9.37
C5A FAD K . 20.75 31.85 9.92
C6A FAD K . 22.07 32.34 9.92
N6A FAD K . 22.42 33.48 9.34
N1A FAD K . 23.02 31.62 10.55
C2A FAD K . 22.65 30.47 11.13
N3A FAD K . 21.45 29.91 11.21
C4A FAD K . 20.52 30.65 10.57
N1 FAD K . 11.76 18.88 1.62
C2 FAD K . 12.19 17.73 1.01
O2 FAD K . 13.19 17.14 1.38
N3 FAD K . 11.44 17.23 -0.06
C4 FAD K . 10.29 17.78 -0.58
O4 FAD K . 9.71 17.27 -1.53
C4X FAD K . 9.88 18.98 0.06
N5 FAD K . 8.78 19.56 -0.38
C5X FAD K . 8.40 20.73 0.24
C6 FAD K . 7.26 21.39 -0.25
C7 FAD K . 6.83 22.59 0.28
C7M FAD K . 5.61 23.27 -0.31
C8 FAD K . 7.57 23.18 1.35
C8M FAD K . 7.14 24.49 1.97
C9 FAD K . 8.66 22.52 1.87
C9A FAD K . 9.12 21.30 1.31
N10 FAD K . 10.26 20.63 1.78
C10 FAD K . 10.68 19.46 1.17
C1' FAD K . 11.07 21.17 2.90
C2' FAD K . 12.01 22.33 2.55
O2' FAD K . 13.04 21.88 1.66
C3' FAD K . 12.60 22.99 3.81
O3' FAD K . 11.57 23.57 4.60
C4' FAD K . 13.68 24.04 3.49
O4' FAD K . 14.67 23.47 2.63
C5' FAD K . 14.36 24.58 4.74
O5' FAD K . 15.25 25.72 4.49
P FAD K . 14.82 27.21 4.86
O1P FAD K . 15.65 28.16 4.06
O2P FAD K . 13.36 27.27 4.70
O3P FAD K . 15.13 27.28 6.45
PA NAD L . 15.33 15.23 9.29
O1A NAD L . 15.44 14.83 7.85
O2A NAD L . 16.16 16.37 9.75
O5B NAD L . 15.69 13.94 10.19
C5B NAD L . 15.81 14.12 11.62
C4B NAD L . 17.09 13.48 12.10
O4B NAD L . 17.90 13.04 10.99
C3B NAD L . 18.00 14.40 12.93
O3B NAD L . 17.99 13.96 14.29
C2B NAD L . 19.38 14.29 12.29
O2B NAD L . 20.41 14.08 13.23
C1B NAD L . 19.24 13.03 11.43
N9A NAD L . 20.13 12.98 10.28
C8A NAD L . 20.81 14.03 9.71
N7A NAD L . 21.55 13.67 8.69
C5A NAD L . 21.33 12.31 8.57
C6A NAD L . 21.82 11.34 7.66
N6A NAD L . 22.66 11.58 6.67
N1A NAD L . 21.41 10.06 7.85
C2A NAD L . 20.56 9.79 8.84
N3A NAD L . 20.03 10.61 9.75
C4A NAD L . 20.46 11.87 9.55
O3 NAD L . 13.79 15.51 9.65
PN NAD L . 12.31 15.56 8.96
O1N NAD L . 11.31 15.80 10.04
O2N NAD L . 12.13 14.36 8.10
O5D NAD L . 12.39 16.85 8.00
C5D NAD L . 11.51 16.91 6.85
C4D NAD L . 11.01 18.32 6.69
O4D NAD L . 10.42 18.51 5.38
C3D NAD L . 9.92 18.74 7.69
O3D NAD L . 10.13 20.10 8.07
C2D NAD L . 8.64 18.54 6.86
O2D NAD L . 7.52 19.28 7.31
C1D NAD L . 9.15 19.11 5.54
N1N NAD L . 8.32 18.81 4.35
C2N NAD L . 8.62 17.73 3.56
C3N NAD L . 7.85 17.47 2.43
C7N NAD L . 8.19 16.29 1.57
O7N NAD L . 9.09 15.51 1.91
N7N NAD L . 7.54 16.17 0.41
C4N NAD L . 6.77 18.29 2.11
C5N NAD L . 6.48 19.37 2.92
C6N NAD L . 7.26 19.63 4.04
#